data_2GVD
#
_entry.id   2GVD
#
_cell.length_a   118.200
_cell.length_b   133.400
_cell.length_c   70.600
_cell.angle_alpha   90.00
_cell.angle_beta   90.00
_cell.angle_gamma   90.00
#
_symmetry.space_group_name_H-M   'P 21 21 2'
#
loop_
_entity.id
_entity.type
_entity.pdbx_description
1 polymer 'Adenylate cyclase type 5'
2 polymer 'Adenylate cyclase type 2'
3 polymer 'Guanine nucleotide-binding protein G(s), alpha subunit'
4 non-polymer 'MANGANESE (II) ION'
5 non-polymer METHYLPIPERAZINOFORSKOLIN
6 non-polymer "SPIRO(2,4,6-TRINITROBENZENE[1,2A]-2O',3O'-METHYLENE-ADENINE-TRIPHOSPHATE"
7 non-polymer 'CHLORIDE ION'
8 non-polymer "5'-GUANOSINE-DIPHOSPHATE-MONOTHIOPHOSPHATE"
9 water water
#
loop_
_entity_poly.entity_id
_entity_poly.type
_entity_poly.pdbx_seq_one_letter_code
_entity_poly.pdbx_strand_id
1 'polypeptide(L)'
;MHHHHHHAMEMKADINAKQEDMMFHKIYIQKHDNVSILFADIEGFTSLASQCTAQELVMTLNELFARFDKLAAENHCLRI
KILGDCYYCVSGLPEARADHAHCCVEMGMDMIEAISLVREMTGVNVNMRVGIHSGRVHCGVLGLRKWQFDVWSNDVTLAN
HMEAGGKAGRIHITKATLSYLNGDYEVEPGCGGERNAYLKEHSIETFLILRCTQKRKEEKAMIAK
;
A
2 'polypeptide(L)'
;RSLKNEELYHQSYDCVCVMFASIPDFKEFYTESDVNKEGLECLRLLNEIIADFDDLLSKPKFSGVEKIKTIGSTYMAATG
LSAIPSQEHAQEPERQYMHIGTMVEFAYALVGKLDAINKHSFNDFKLRVGINHGPVIAGVIGAQKPQYDIWGNTVNVASR
MDSTGVLDKIQVTEETSLILQTLGYTCTCRGIINVKGKGDLKTYFVNTEMSR
;
B
3 'polypeptide(L)'
;MGCLGNSKTEDQRNEEKAQREANKKIEKQLQKDKQVYRATHRLLLLGAGESGKSTIVKQMRILHVNGFNGEGGEEDPQAA
RSNSDGEKATKVQDIKNNLKEAIETIVAAMSNLVPPVELANPENQFRVDYILSVMNVPDFDFPPEFYEHAKALWEDEGVR
ACYERSNEYQLIDCAQYFLDKIDVIKQDDYVPSDQDLLRCRVLTSGIFETKFQVDKVNFHMFDVGGQRDERRKWIQCFND
VTAIIFVVASSSYNMVIREDNQTNRLQEALNLFKSIWNNRWLRTISVILFLNKQDLLAEKVLAGKSKIEDYFPEFARYTT
PEDATPEPGEDPRVTRAKYFIRDEFLRISTASGDGRHYCYPHFTCAVDTENIRRVFNDCRDIIQRMHLRQYELL
;
C
#
# COMPACT_ATOMS: atom_id res chain seq x y z
N ASP A 21 2.73 17.96 14.31
CA ASP A 21 2.67 19.36 13.78
C ASP A 21 3.07 19.42 12.31
N MET A 22 4.37 19.29 12.07
CA MET A 22 4.95 19.39 10.73
C MET A 22 4.67 18.26 9.76
N MET A 23 5.72 17.51 9.44
CA MET A 23 5.68 16.38 8.50
C MET A 23 4.32 15.98 7.94
N PHE A 24 3.52 15.28 8.73
CA PHE A 24 2.18 14.89 8.31
C PHE A 24 1.09 15.74 8.96
N HIS A 25 -0.14 15.55 8.52
CA HIS A 25 -1.24 16.31 9.07
C HIS A 25 -1.80 15.54 10.24
N LYS A 26 -2.00 16.23 11.35
CA LYS A 26 -2.54 15.61 12.53
C LYS A 26 -3.79 14.84 12.20
N ILE A 27 -3.71 13.52 12.25
CA ILE A 27 -4.86 12.69 11.96
C ILE A 27 -5.80 12.56 13.15
N TYR A 28 -6.98 13.12 13.02
CA TYR A 28 -7.95 13.07 14.10
C TYR A 28 -8.68 11.72 14.06
N ILE A 29 -7.95 10.67 14.43
CA ILE A 29 -8.50 9.32 14.45
C ILE A 29 -8.04 8.57 15.68
N GLN A 30 -8.95 7.82 16.30
CA GLN A 30 -8.62 7.06 17.49
C GLN A 30 -9.13 5.61 17.40
N LYS A 31 -8.30 4.67 17.85
CA LYS A 31 -8.65 3.27 17.83
C LYS A 31 -9.65 2.89 18.93
N HIS A 32 -10.45 1.86 18.67
CA HIS A 32 -11.43 1.38 19.64
C HIS A 32 -11.68 -0.12 19.47
N ASP A 33 -12.03 -0.79 20.56
CA ASP A 33 -12.28 -2.23 20.53
C ASP A 33 -13.63 -2.59 21.14
N ASN A 34 -14.02 -3.85 20.98
CA ASN A 34 -15.29 -4.35 21.50
C ASN A 34 -16.48 -3.43 21.17
N VAL A 35 -16.68 -3.19 19.88
CA VAL A 35 -17.79 -2.35 19.44
C VAL A 35 -18.61 -3.12 18.42
N SER A 36 -19.87 -2.70 18.24
CA SER A 36 -20.74 -3.36 17.29
C SER A 36 -21.10 -2.39 16.16
N ILE A 37 -20.93 -2.84 14.92
CA ILE A 37 -21.23 -2.01 13.75
C ILE A 37 -22.48 -2.53 13.02
N LEU A 38 -23.47 -1.65 12.84
CA LEU A 38 -24.71 -2.03 12.17
C LEU A 38 -24.98 -1.24 10.91
N PHE A 39 -25.15 -1.95 9.78
CA PHE A 39 -25.46 -1.32 8.50
C PHE A 39 -26.87 -1.69 8.10
N ALA A 40 -27.56 -0.74 7.47
CA ALA A 40 -28.92 -0.97 7.03
C ALA A 40 -29.12 -0.32 5.67
N ASP A 41 -29.84 -1.01 4.79
CA ASP A 41 -30.11 -0.47 3.47
C ASP A 41 -31.55 -0.74 3.03
N ILE A 42 -32.12 0.21 2.30
CA ILE A 42 -33.49 0.09 1.81
C ILE A 42 -33.55 -0.95 0.69
N GLU A 43 -34.29 -2.02 0.93
CA GLU A 43 -34.41 -3.05 -0.07
C GLU A 43 -35.26 -2.54 -1.22
N GLY A 44 -34.66 -2.44 -2.39
CA GLY A 44 -35.40 -1.96 -3.56
C GLY A 44 -35.93 -0.56 -3.37
N PHE A 45 -35.02 0.41 -3.43
CA PHE A 45 -35.39 1.80 -3.25
C PHE A 45 -35.82 2.37 -4.60
N THR A 46 -35.20 1.90 -5.67
CA THR A 46 -35.56 2.39 -7.00
C THR A 46 -36.99 1.93 -7.28
N SER A 47 -37.43 0.93 -6.53
CA SER A 47 -38.77 0.39 -6.67
C SER A 47 -39.79 1.52 -6.53
N LEU A 48 -39.65 2.29 -5.46
CA LEU A 48 -40.56 3.40 -5.21
C LEU A 48 -39.97 4.67 -5.82
N ALA A 49 -38.66 4.66 -6.05
CA ALA A 49 -37.98 5.81 -6.62
C ALA A 49 -38.51 6.13 -8.00
N SER A 50 -39.15 5.14 -8.62
CA SER A 50 -39.72 5.30 -9.96
C SER A 50 -41.21 5.61 -9.84
N GLN A 51 -41.69 5.64 -8.60
CA GLN A 51 -43.10 5.92 -8.34
C GLN A 51 -43.27 7.28 -7.69
N CYS A 52 -42.53 7.53 -6.62
CA CYS A 52 -42.61 8.79 -5.91
C CYS A 52 -41.80 9.84 -6.62
N THR A 53 -42.17 11.10 -6.41
CA THR A 53 -41.46 12.21 -7.04
C THR A 53 -40.06 12.40 -6.42
N ALA A 54 -39.16 12.99 -7.19
CA ALA A 54 -37.79 13.23 -6.73
C ALA A 54 -37.75 13.89 -5.37
N GLN A 55 -38.82 14.62 -5.04
CA GLN A 55 -38.90 15.31 -3.77
C GLN A 55 -39.58 14.47 -2.71
N GLU A 56 -40.66 13.79 -3.08
CA GLU A 56 -41.37 12.94 -2.13
C GLU A 56 -40.39 11.98 -1.47
N LEU A 57 -39.49 11.43 -2.27
CA LEU A 57 -38.50 10.49 -1.78
C LEU A 57 -37.64 11.14 -0.71
N VAL A 58 -37.04 12.28 -1.05
CA VAL A 58 -36.19 13.00 -0.12
C VAL A 58 -36.94 13.25 1.19
N MET A 59 -38.25 13.38 1.11
CA MET A 59 -39.07 13.59 2.29
C MET A 59 -39.12 12.30 3.11
N THR A 60 -39.53 11.21 2.47
CA THR A 60 -39.62 9.92 3.13
C THR A 60 -38.24 9.59 3.69
N LEU A 61 -37.22 9.79 2.86
CA LEU A 61 -35.84 9.53 3.24
C LEU A 61 -35.49 10.29 4.52
N ASN A 62 -35.79 11.58 4.53
CA ASN A 62 -35.53 12.44 5.68
C ASN A 62 -36.43 12.06 6.84
N GLU A 63 -37.64 11.63 6.52
CA GLU A 63 -38.63 11.21 7.51
C GLU A 63 -38.17 9.93 8.23
N LEU A 64 -37.68 8.97 7.45
CA LEU A 64 -37.24 7.71 7.99
C LEU A 64 -36.08 7.90 8.95
N PHE A 65 -34.94 8.31 8.40
CA PHE A 65 -33.75 8.52 9.21
C PHE A 65 -34.01 9.39 10.43
N ALA A 66 -34.97 10.29 10.32
CA ALA A 66 -35.32 11.17 11.42
C ALA A 66 -35.61 10.32 12.64
N ARG A 67 -36.56 9.39 12.48
CA ARG A 67 -36.94 8.49 13.56
C ARG A 67 -35.74 7.66 13.97
N PHE A 68 -34.91 7.31 12.99
CA PHE A 68 -33.70 6.52 13.22
C PHE A 68 -32.73 7.20 14.18
N ASP A 69 -32.39 8.45 13.88
CA ASP A 69 -31.47 9.23 14.71
C ASP A 69 -31.96 9.27 16.16
N LYS A 70 -33.29 9.29 16.32
CA LYS A 70 -33.89 9.32 17.64
C LYS A 70 -33.84 7.95 18.32
N LEU A 71 -34.20 6.90 17.57
CA LEU A 71 -34.19 5.54 18.09
C LEU A 71 -32.79 5.17 18.51
N ALA A 72 -31.80 5.62 17.74
CA ALA A 72 -30.40 5.35 18.03
C ALA A 72 -29.99 5.88 19.41
N ALA A 73 -30.43 7.09 19.72
CA ALA A 73 -30.12 7.71 21.00
C ALA A 73 -30.79 6.94 22.14
N GLU A 74 -31.93 6.33 21.83
CA GLU A 74 -32.68 5.54 22.82
C GLU A 74 -32.04 4.17 23.03
N ASN A 75 -31.47 3.61 21.97
CA ASN A 75 -30.83 2.31 22.03
C ASN A 75 -29.33 2.45 22.28
N HIS A 76 -28.90 3.68 22.51
CA HIS A 76 -27.50 3.97 22.77
C HIS A 76 -26.56 3.66 21.59
N CYS A 77 -27.02 3.96 20.38
CA CYS A 77 -26.21 3.74 19.19
C CYS A 77 -25.85 5.10 18.61
N LEU A 78 -24.59 5.27 18.24
CA LEU A 78 -24.12 6.55 17.68
C LEU A 78 -24.22 6.58 16.16
N ARG A 79 -24.85 7.61 15.63
CA ARG A 79 -25.00 7.74 14.19
C ARG A 79 -23.66 8.11 13.56
N ILE A 80 -23.30 7.35 12.53
CA ILE A 80 -22.05 7.57 11.82
C ILE A 80 -22.25 8.41 10.55
N LYS A 81 -22.91 7.83 9.55
CA LYS A 81 -23.13 8.55 8.31
C LYS A 81 -24.28 8.00 7.52
N ILE A 82 -24.98 8.88 6.80
CA ILE A 82 -26.11 8.47 5.96
C ILE A 82 -25.68 8.49 4.48
N LEU A 83 -25.75 7.36 3.81
CA LEU A 83 -25.36 7.26 2.40
C LEU A 83 -26.54 6.92 1.51
N GLY A 84 -27.24 7.94 1.06
CA GLY A 84 -28.40 7.71 0.21
C GLY A 84 -29.48 7.00 0.98
N ASP A 85 -29.61 5.70 0.72
CA ASP A 85 -30.60 4.88 1.40
C ASP A 85 -29.95 3.88 2.36
N CYS A 86 -28.66 4.13 2.66
CA CYS A 86 -27.91 3.30 3.58
C CYS A 86 -27.66 4.10 4.87
N TYR A 87 -27.96 3.48 6.01
CA TYR A 87 -27.80 4.12 7.30
C TYR A 87 -27.04 3.20 8.26
N TYR A 88 -25.99 3.73 8.89
CA TYR A 88 -25.24 2.91 9.83
C TYR A 88 -24.71 3.61 11.08
N CYS A 89 -25.06 3.06 12.24
CA CYS A 89 -24.62 3.59 13.52
C CYS A 89 -23.77 2.51 14.18
N VAL A 90 -22.85 2.91 15.04
CA VAL A 90 -22.01 1.96 15.75
C VAL A 90 -22.22 2.11 17.25
N SER A 91 -22.25 0.98 17.97
CA SER A 91 -22.42 1.03 19.41
C SER A 91 -21.07 0.86 20.10
N GLY A 92 -20.94 1.49 21.27
CA GLY A 92 -19.70 1.38 22.01
C GLY A 92 -18.89 2.65 21.88
N LEU A 93 -19.53 3.68 21.31
CA LEU A 93 -18.89 4.97 21.12
C LEU A 93 -19.82 6.10 21.52
N PRO A 94 -19.26 7.17 22.13
CA PRO A 94 -17.83 7.31 22.43
C PRO A 94 -17.45 6.53 23.67
N GLU A 95 -18.25 6.66 24.72
CA GLU A 95 -18.01 5.98 25.98
C GLU A 95 -18.25 4.48 25.77
N ALA A 96 -17.22 3.70 26.06
CA ALA A 96 -17.27 2.25 25.92
C ALA A 96 -18.47 1.61 26.65
N ARG A 97 -19.08 0.63 26.00
CA ARG A 97 -20.22 -0.07 26.56
C ARG A 97 -20.13 -1.57 26.26
N ALA A 98 -20.29 -2.39 27.29
CA ALA A 98 -20.22 -3.83 27.15
C ALA A 98 -21.57 -4.37 26.68
N ASP A 99 -22.47 -3.45 26.34
CA ASP A 99 -23.80 -3.83 25.89
C ASP A 99 -23.93 -3.54 24.39
N HIS A 100 -22.81 -3.12 23.78
CA HIS A 100 -22.78 -2.78 22.36
C HIS A 100 -23.50 -3.78 21.46
N ALA A 101 -23.23 -5.07 21.68
CA ALA A 101 -23.85 -6.11 20.89
C ALA A 101 -25.37 -5.98 20.85
N HIS A 102 -25.98 -5.82 22.02
CA HIS A 102 -27.43 -5.71 22.11
C HIS A 102 -27.94 -4.41 21.53
N CYS A 103 -27.20 -3.33 21.76
CA CYS A 103 -27.59 -2.01 21.25
C CYS A 103 -27.93 -2.05 19.76
N CYS A 104 -27.03 -2.62 18.96
CA CYS A 104 -27.25 -2.72 17.54
C CYS A 104 -28.43 -3.62 17.25
N VAL A 105 -28.47 -4.79 17.88
CA VAL A 105 -29.58 -5.71 17.67
C VAL A 105 -30.88 -4.97 17.94
N GLU A 106 -30.93 -4.29 19.09
CA GLU A 106 -32.11 -3.53 19.48
C GLU A 106 -32.45 -2.53 18.40
N MET A 107 -31.41 -1.88 17.86
CA MET A 107 -31.60 -0.90 16.81
C MET A 107 -32.32 -1.56 15.63
N GLY A 108 -31.70 -2.61 15.08
CA GLY A 108 -32.29 -3.31 13.96
C GLY A 108 -33.70 -3.73 14.26
N MET A 109 -33.97 -4.06 15.53
CA MET A 109 -35.30 -4.48 15.94
C MET A 109 -36.32 -3.38 15.65
N ASP A 110 -36.14 -2.24 16.30
CA ASP A 110 -37.04 -1.10 16.14
C ASP A 110 -36.93 -0.44 14.75
N MET A 111 -35.73 -0.48 14.17
CA MET A 111 -35.52 0.12 12.85
C MET A 111 -36.51 -0.37 11.83
N ILE A 112 -36.77 -1.67 11.85
CA ILE A 112 -37.68 -2.29 10.88
C ILE A 112 -39.08 -1.68 10.81
N GLU A 113 -39.82 -1.69 11.92
CA GLU A 113 -41.17 -1.12 11.89
C GLU A 113 -41.17 0.35 11.50
N ALA A 114 -39.98 0.95 11.45
CA ALA A 114 -39.85 2.34 11.07
C ALA A 114 -39.89 2.48 9.55
N ILE A 115 -39.50 1.41 8.86
CA ILE A 115 -39.49 1.40 7.40
C ILE A 115 -40.75 0.72 6.89
N SER A 116 -41.53 0.16 7.81
CA SER A 116 -42.77 -0.53 7.46
C SER A 116 -43.86 0.50 7.16
N LEU A 117 -43.84 1.60 7.90
CA LEU A 117 -44.81 2.66 7.72
C LEU A 117 -44.64 3.29 6.35
N VAL A 118 -43.61 2.84 5.64
CA VAL A 118 -43.32 3.35 4.30
C VAL A 118 -44.22 2.60 3.32
N ARG A 119 -44.74 1.46 3.75
CA ARG A 119 -45.63 0.65 2.92
C ARG A 119 -47.06 1.21 2.97
N GLU A 120 -47.42 1.74 4.12
CA GLU A 120 -48.75 2.31 4.32
C GLU A 120 -49.03 3.50 3.42
N MET A 121 -48.10 4.45 3.40
CA MET A 121 -48.27 5.67 2.63
C MET A 121 -47.52 5.71 1.29
N THR A 122 -46.57 4.81 1.08
CA THR A 122 -45.82 4.81 -0.16
C THR A 122 -45.33 3.42 -0.59
N GLY A 123 -44.39 3.41 -1.53
CA GLY A 123 -43.81 2.17 -2.05
C GLY A 123 -43.88 0.95 -1.16
N VAL A 124 -44.23 -0.18 -1.75
CA VAL A 124 -44.33 -1.44 -1.02
C VAL A 124 -42.99 -2.19 -1.10
N ASN A 125 -42.91 -3.33 -0.42
CA ASN A 125 -41.70 -4.15 -0.43
C ASN A 125 -40.52 -3.40 0.17
N VAL A 126 -40.80 -2.34 0.91
CA VAL A 126 -39.74 -1.56 1.54
C VAL A 126 -39.38 -2.11 2.92
N ASN A 127 -38.19 -2.73 3.01
CA ASN A 127 -37.71 -3.29 4.26
C ASN A 127 -36.25 -3.00 4.44
N MET A 128 -35.78 -3.18 5.66
CA MET A 128 -34.38 -2.93 5.96
C MET A 128 -33.55 -4.22 6.03
N ARG A 129 -32.29 -4.11 5.61
CA ARG A 129 -31.36 -5.23 5.64
C ARG A 129 -30.28 -4.92 6.67
N VAL A 130 -30.52 -5.33 7.91
CA VAL A 130 -29.56 -5.10 8.97
C VAL A 130 -28.36 -6.05 8.85
N GLY A 131 -27.16 -5.48 9.03
CA GLY A 131 -25.93 -6.25 8.97
C GLY A 131 -25.03 -5.84 10.13
N ILE A 132 -25.08 -6.61 11.22
CA ILE A 132 -24.29 -6.29 12.40
C ILE A 132 -23.06 -7.18 12.58
N HIS A 133 -21.96 -6.57 13.00
CA HIS A 133 -20.72 -7.28 13.26
C HIS A 133 -19.99 -6.59 14.41
N SER A 134 -19.05 -7.28 15.03
CA SER A 134 -18.29 -6.68 16.13
C SER A 134 -16.78 -6.80 15.89
N GLY A 135 -16.01 -5.99 16.61
CA GLY A 135 -14.56 -6.00 16.45
C GLY A 135 -14.02 -4.62 16.70
N ARG A 136 -12.72 -4.42 16.47
CA ARG A 136 -12.13 -3.10 16.68
C ARG A 136 -12.40 -2.21 15.47
N VAL A 137 -12.33 -0.89 15.68
CA VAL A 137 -12.57 0.07 14.60
C VAL A 137 -11.74 1.31 14.78
N HIS A 138 -11.74 2.17 13.77
CA HIS A 138 -11.01 3.43 13.79
C HIS A 138 -12.00 4.54 13.44
N CYS A 139 -12.35 5.35 14.44
CA CYS A 139 -13.28 6.45 14.20
C CYS A 139 -12.51 7.76 14.13
N GLY A 140 -13.11 8.75 13.48
CA GLY A 140 -12.48 10.05 13.35
C GLY A 140 -12.90 10.79 12.11
N VAL A 141 -11.96 11.54 11.55
CA VAL A 141 -12.21 12.30 10.34
C VAL A 141 -10.95 12.42 9.49
N LEU A 142 -11.13 12.42 8.18
CA LEU A 142 -10.02 12.50 7.23
C LEU A 142 -10.03 13.83 6.52
N GLY A 143 -8.95 14.14 5.80
CA GLY A 143 -8.88 15.39 5.08
C GLY A 143 -9.00 16.58 6.02
N LEU A 144 -9.25 17.75 5.45
CA LEU A 144 -9.37 18.96 6.26
C LEU A 144 -10.52 19.89 5.82
N ARG A 145 -11.50 19.35 5.11
CA ARG A 145 -12.65 20.12 4.65
C ARG A 145 -13.94 19.32 4.85
N LYS A 146 -14.95 19.97 5.40
CA LYS A 146 -16.24 19.34 5.65
C LYS A 146 -16.07 17.98 6.29
N TRP A 147 -15.45 17.96 7.46
CA TRP A 147 -15.22 16.71 8.16
C TRP A 147 -16.47 15.87 8.34
N GLN A 148 -16.31 14.55 8.25
CA GLN A 148 -17.42 13.62 8.41
C GLN A 148 -17.05 12.42 9.26
N PHE A 149 -17.52 12.41 10.50
CA PHE A 149 -17.24 11.33 11.43
C PHE A 149 -17.51 10.01 10.75
N ASP A 150 -16.45 9.29 10.40
CA ASP A 150 -16.57 8.01 9.73
C ASP A 150 -15.71 6.96 10.46
N VAL A 151 -15.88 5.70 10.08
CA VAL A 151 -15.12 4.62 10.69
C VAL A 151 -14.30 3.87 9.64
N TRP A 152 -13.23 3.23 10.08
CA TRP A 152 -12.36 2.48 9.19
C TRP A 152 -11.79 1.23 9.88
N SER A 153 -12.08 0.07 9.29
CA SER A 153 -11.60 -1.21 9.82
C SER A 153 -12.16 -2.35 9.02
N ASN A 154 -11.40 -3.43 8.91
CA ASN A 154 -11.87 -4.60 8.19
C ASN A 154 -13.17 -5.07 8.82
N ASP A 155 -13.26 -4.90 10.13
CA ASP A 155 -14.45 -5.30 10.86
C ASP A 155 -15.62 -4.49 10.36
N VAL A 156 -15.34 -3.23 10.05
CA VAL A 156 -16.37 -2.33 9.53
C VAL A 156 -16.77 -2.80 8.14
N THR A 157 -15.76 -3.14 7.34
CA THR A 157 -15.97 -3.62 5.98
C THR A 157 -16.83 -4.87 6.04
N LEU A 158 -16.61 -5.69 7.08
CA LEU A 158 -17.36 -6.93 7.23
C LEU A 158 -18.82 -6.67 7.52
N ALA A 159 -19.08 -5.72 8.42
CA ALA A 159 -20.44 -5.37 8.75
C ALA A 159 -21.16 -4.94 7.47
N ASN A 160 -20.45 -4.16 6.66
CA ASN A 160 -20.97 -3.66 5.38
C ASN A 160 -21.44 -4.85 4.55
N HIS A 161 -20.53 -5.76 4.22
CA HIS A 161 -20.84 -6.94 3.43
C HIS A 161 -21.94 -7.75 4.10
N MET A 162 -21.95 -7.82 5.42
CA MET A 162 -22.98 -8.54 6.13
C MET A 162 -24.33 -7.95 5.74
N GLU A 163 -24.43 -6.62 5.80
CA GLU A 163 -25.65 -5.92 5.43
C GLU A 163 -26.02 -6.28 3.99
N ALA A 164 -25.01 -6.27 3.12
CA ALA A 164 -25.21 -6.57 1.72
C ALA A 164 -25.79 -7.96 1.58
N GLY A 165 -25.16 -8.92 2.25
CA GLY A 165 -25.63 -10.29 2.17
C GLY A 165 -26.64 -10.62 3.25
N GLY A 166 -27.55 -9.70 3.52
CA GLY A 166 -28.57 -9.93 4.53
C GLY A 166 -29.92 -10.34 3.96
N LYS A 167 -30.94 -10.38 4.82
CA LYS A 167 -32.29 -10.75 4.39
C LYS A 167 -33.30 -9.70 4.82
N ALA A 168 -34.33 -9.50 4.00
CA ALA A 168 -35.37 -8.52 4.27
C ALA A 168 -36.00 -8.74 5.64
N GLY A 169 -36.34 -7.63 6.31
CA GLY A 169 -36.95 -7.69 7.62
C GLY A 169 -36.25 -8.60 8.62
N ARG A 170 -34.96 -8.86 8.40
CA ARG A 170 -34.20 -9.72 9.29
C ARG A 170 -32.90 -9.04 9.70
N ILE A 171 -32.30 -9.55 10.77
CA ILE A 171 -31.02 -9.01 11.24
C ILE A 171 -29.91 -10.02 10.94
N HIS A 172 -28.85 -9.55 10.29
CA HIS A 172 -27.73 -10.40 9.92
C HIS A 172 -26.51 -10.14 10.80
N ILE A 173 -26.23 -11.05 11.73
CA ILE A 173 -25.08 -10.90 12.62
C ILE A 173 -24.04 -11.98 12.38
N THR A 174 -22.78 -11.65 12.64
CA THR A 174 -21.68 -12.58 12.45
C THR A 174 -21.52 -13.51 13.64
N LYS A 175 -20.37 -14.17 13.72
CA LYS A 175 -20.09 -15.09 14.81
C LYS A 175 -19.60 -14.30 16.02
N ALA A 176 -18.95 -13.17 15.75
CA ALA A 176 -18.42 -12.31 16.80
C ALA A 176 -19.55 -11.60 17.55
N THR A 177 -20.50 -11.05 16.81
CA THR A 177 -21.64 -10.35 17.40
C THR A 177 -22.51 -11.29 18.24
N LEU A 178 -22.42 -12.58 17.94
CA LEU A 178 -23.21 -13.59 18.66
C LEU A 178 -22.56 -13.92 20.01
N SER A 179 -21.23 -13.86 20.08
CA SER A 179 -20.52 -14.14 21.32
C SER A 179 -20.69 -12.96 22.28
N TYR A 180 -20.60 -11.74 21.76
CA TYR A 180 -20.76 -10.54 22.57
C TYR A 180 -22.20 -10.39 23.01
N LEU A 181 -23.08 -11.20 22.43
CA LEU A 181 -24.50 -11.17 22.75
C LEU A 181 -24.87 -12.10 23.90
N ASN A 182 -23.89 -12.81 24.44
CA ASN A 182 -24.14 -13.72 25.55
C ASN A 182 -25.33 -14.62 25.26
N GLY A 183 -25.55 -14.91 23.98
CA GLY A 183 -26.62 -15.78 23.56
C GLY A 183 -27.96 -15.45 24.20
N ASP A 184 -28.28 -14.17 24.28
CA ASP A 184 -29.54 -13.74 24.86
C ASP A 184 -30.63 -13.71 23.80
N TYR A 185 -30.24 -13.88 22.54
CA TYR A 185 -31.17 -13.89 21.43
C TYR A 185 -31.18 -15.23 20.73
N GLU A 186 -32.32 -15.59 20.15
CA GLU A 186 -32.46 -16.84 19.44
C GLU A 186 -32.12 -16.59 17.97
N VAL A 187 -31.11 -17.28 17.45
CA VAL A 187 -30.69 -17.10 16.06
C VAL A 187 -30.82 -18.37 15.23
N GLU A 188 -30.39 -18.29 13.98
CA GLU A 188 -30.43 -19.41 13.06
C GLU A 188 -29.39 -19.21 11.96
N PRO A 189 -29.08 -20.26 11.19
CA PRO A 189 -28.09 -20.16 10.11
C PRO A 189 -28.35 -18.97 9.18
N GLY A 190 -27.28 -18.29 8.80
CA GLY A 190 -27.40 -17.14 7.92
C GLY A 190 -27.04 -17.44 6.48
N CYS A 191 -26.12 -18.39 6.30
CA CYS A 191 -25.68 -18.78 4.96
C CYS A 191 -25.16 -17.57 4.18
N GLY A 192 -24.50 -16.66 4.88
CA GLY A 192 -23.98 -15.48 4.22
C GLY A 192 -23.04 -15.80 3.06
N GLY A 193 -22.45 -17.00 3.08
CA GLY A 193 -21.54 -17.39 2.02
C GLY A 193 -22.24 -17.47 0.66
N GLU A 194 -23.41 -18.07 0.64
CA GLU A 194 -24.18 -18.20 -0.60
C GLU A 194 -24.92 -16.90 -0.90
N ARG A 195 -24.66 -15.86 -0.11
CA ARG A 195 -25.31 -14.57 -0.28
C ARG A 195 -24.29 -13.57 -0.81
N ASN A 196 -23.20 -13.40 -0.08
CA ASN A 196 -22.13 -12.47 -0.46
C ASN A 196 -20.84 -13.22 -0.74
N ALA A 197 -20.19 -12.86 -1.85
CA ALA A 197 -18.94 -13.49 -2.23
C ALA A 197 -17.81 -13.15 -1.26
N TYR A 198 -18.10 -12.24 -0.34
CA TYR A 198 -17.10 -11.84 0.64
C TYR A 198 -17.23 -12.69 1.88
N LEU A 199 -18.46 -12.93 2.31
CA LEU A 199 -18.71 -13.76 3.49
C LEU A 199 -18.32 -15.19 3.15
N LYS A 200 -18.17 -15.43 1.85
CA LYS A 200 -17.78 -16.74 1.35
C LYS A 200 -16.27 -16.82 1.29
N GLU A 201 -15.68 -15.92 0.51
CA GLU A 201 -14.24 -15.87 0.34
C GLU A 201 -13.49 -15.89 1.67
N HIS A 202 -14.06 -15.27 2.70
CA HIS A 202 -13.40 -15.22 3.99
C HIS A 202 -13.86 -16.26 4.99
N SER A 203 -14.63 -17.24 4.53
CA SER A 203 -15.10 -18.31 5.42
C SER A 203 -15.73 -17.73 6.67
N ILE A 204 -16.83 -17.01 6.52
CA ILE A 204 -17.50 -16.40 7.67
C ILE A 204 -18.83 -17.04 7.98
N GLU A 205 -19.03 -17.39 9.25
CA GLU A 205 -20.27 -18.01 9.72
C GLU A 205 -21.24 -16.93 10.14
N THR A 206 -22.39 -16.89 9.49
CA THR A 206 -23.40 -15.88 9.78
C THR A 206 -24.69 -16.46 10.36
N PHE A 207 -25.43 -15.63 11.09
CA PHE A 207 -26.68 -16.05 11.72
C PHE A 207 -27.76 -15.02 11.44
N LEU A 208 -28.96 -15.28 11.96
CA LEU A 208 -30.10 -14.39 11.78
C LEU A 208 -30.99 -14.37 13.03
N ILE A 209 -31.16 -13.18 13.60
CA ILE A 209 -31.98 -13.05 14.80
C ILE A 209 -33.40 -13.50 14.54
N LEU A 210 -33.85 -14.48 15.33
CA LEU A 210 -35.20 -15.01 15.21
C LEU A 210 -36.21 -14.16 15.97
N HIS B 10 -34.70 22.71 2.28
CA HIS B 10 -33.84 22.30 1.14
C HIS B 10 -34.52 22.56 -0.22
N GLN B 11 -33.82 23.26 -1.10
CA GLN B 11 -34.37 23.59 -2.41
C GLN B 11 -33.89 22.61 -3.46
N SER B 12 -34.42 22.75 -4.67
CA SER B 12 -34.07 21.88 -5.79
C SER B 12 -33.49 22.68 -6.96
N TYR B 13 -32.30 22.31 -7.41
CA TYR B 13 -31.64 22.98 -8.52
C TYR B 13 -32.03 22.33 -9.82
N ASP B 14 -31.61 22.95 -10.92
CA ASP B 14 -31.96 22.43 -12.25
C ASP B 14 -30.73 21.97 -13.03
N CYS B 15 -29.56 22.47 -12.65
CA CYS B 15 -28.34 22.08 -13.34
C CYS B 15 -27.15 22.08 -12.42
N VAL B 16 -26.83 20.91 -11.86
CA VAL B 16 -25.69 20.75 -10.95
C VAL B 16 -24.78 19.61 -11.45
N CYS B 17 -23.48 19.88 -11.49
CA CYS B 17 -22.52 18.89 -11.96
C CYS B 17 -21.93 18.08 -10.78
N VAL B 18 -22.30 16.80 -10.70
CA VAL B 18 -21.82 15.91 -9.64
C VAL B 18 -20.67 15.06 -10.15
N MET B 19 -19.65 14.93 -9.31
CA MET B 19 -18.47 14.14 -9.66
C MET B 19 -18.05 13.15 -8.58
N PHE B 20 -17.49 12.02 -9.01
CA PHE B 20 -17.00 10.99 -8.11
C PHE B 20 -15.62 10.57 -8.56
N ALA B 21 -14.64 10.65 -7.66
CA ALA B 21 -13.28 10.25 -7.96
C ALA B 21 -12.81 9.28 -6.89
N SER B 22 -12.96 7.99 -7.16
CA SER B 22 -12.56 6.95 -6.20
C SER B 22 -11.18 6.40 -6.49
N ILE B 23 -10.68 5.57 -5.57
CA ILE B 23 -9.37 4.96 -5.71
C ILE B 23 -9.49 3.48 -5.39
N PRO B 24 -9.93 2.65 -6.35
CA PRO B 24 -10.11 1.21 -6.18
C PRO B 24 -8.85 0.47 -5.80
N ASP B 25 -7.71 1.12 -5.93
CA ASP B 25 -6.43 0.51 -5.59
C ASP B 25 -6.09 0.61 -4.09
N PHE B 26 -6.85 1.42 -3.35
CA PHE B 26 -6.61 1.62 -1.92
C PHE B 26 -7.05 0.47 -1.02
N LYS B 27 -8.27 -0.04 -1.23
CA LYS B 27 -8.80 -1.14 -0.43
C LYS B 27 -7.80 -2.28 -0.30
N GLU B 28 -7.05 -2.54 -1.36
CA GLU B 28 -6.06 -3.60 -1.30
C GLU B 28 -4.87 -3.09 -0.51
N PHE B 29 -4.56 -1.81 -0.67
CA PHE B 29 -3.45 -1.20 0.05
C PHE B 29 -3.69 -1.28 1.55
N TYR B 30 -4.94 -1.07 1.96
CA TYR B 30 -5.30 -1.13 3.37
C TYR B 30 -5.05 -2.52 3.94
N THR B 31 -4.39 -2.56 5.09
CA THR B 31 -4.07 -3.80 5.76
C THR B 31 -3.85 -3.58 7.25
N GLU B 32 -4.59 -4.31 8.08
CA GLU B 32 -4.48 -4.18 9.54
C GLU B 32 -3.40 -5.10 10.12
N SER B 33 -2.13 -4.74 9.91
CA SER B 33 -1.01 -5.54 10.43
C SER B 33 -0.57 -4.96 11.76
N ASP B 34 0.24 -5.72 12.47
CA ASP B 34 0.72 -5.30 13.77
C ASP B 34 1.71 -4.15 13.64
N VAL B 35 2.44 -4.12 12.54
CA VAL B 35 3.45 -3.09 12.32
C VAL B 35 2.89 -1.71 12.00
N ASN B 36 1.83 -1.64 11.19
CA ASN B 36 1.25 -0.36 10.81
C ASN B 36 0.19 0.14 11.80
N LYS B 37 0.34 -0.24 13.06
CA LYS B 37 -0.60 0.19 14.10
C LYS B 37 -2.01 -0.37 13.86
N GLU B 38 -2.10 -1.41 13.05
CA GLU B 38 -3.38 -2.05 12.77
C GLU B 38 -4.26 -1.24 11.86
N GLY B 39 -3.72 -0.90 10.69
CA GLY B 39 -4.46 -0.14 9.71
C GLY B 39 -4.43 1.36 9.93
N LEU B 40 -3.93 1.76 11.10
CA LEU B 40 -3.85 3.16 11.44
C LEU B 40 -2.90 3.92 10.52
N GLU B 41 -1.80 3.29 10.14
CA GLU B 41 -0.82 3.93 9.27
C GLU B 41 -1.35 4.12 7.87
N CYS B 42 -2.12 3.16 7.39
CA CYS B 42 -2.68 3.26 6.05
C CYS B 42 -3.60 4.48 5.95
N LEU B 43 -4.48 4.62 6.95
CA LEU B 43 -5.39 5.75 6.99
C LEU B 43 -4.63 7.06 6.96
N ARG B 44 -3.43 7.06 7.53
CA ARG B 44 -2.62 8.27 7.56
C ARG B 44 -2.30 8.69 6.15
N LEU B 45 -2.06 7.72 5.27
CA LEU B 45 -1.74 8.01 3.88
C LEU B 45 -2.99 8.52 3.18
N LEU B 46 -4.14 7.99 3.57
CA LEU B 46 -5.40 8.41 2.97
C LEU B 46 -5.67 9.83 3.40
N ASN B 47 -5.25 10.19 4.60
CA ASN B 47 -5.45 11.53 5.09
C ASN B 47 -4.65 12.53 4.27
N GLU B 48 -3.44 12.14 3.91
CA GLU B 48 -2.59 13.00 3.10
C GLU B 48 -3.16 13.09 1.68
N ILE B 49 -4.03 12.14 1.33
CA ILE B 49 -4.64 12.13 0.00
C ILE B 49 -5.86 13.05 -0.01
N ILE B 50 -6.80 12.81 0.90
CA ILE B 50 -8.02 13.61 1.01
C ILE B 50 -7.64 15.07 1.22
N ALA B 51 -6.76 15.32 2.19
CA ALA B 51 -6.29 16.66 2.49
C ALA B 51 -5.74 17.28 1.22
N ASP B 52 -4.82 16.58 0.55
CA ASP B 52 -4.24 17.08 -0.68
C ASP B 52 -5.31 17.44 -1.70
N PHE B 53 -6.42 16.71 -1.70
CA PHE B 53 -7.50 16.99 -2.63
C PHE B 53 -8.34 18.18 -2.15
N ASP B 54 -8.26 18.47 -0.85
CA ASP B 54 -9.01 19.59 -0.30
C ASP B 54 -8.28 20.90 -0.56
N ASP B 55 -6.96 20.83 -0.67
CA ASP B 55 -6.17 22.03 -0.92
C ASP B 55 -6.50 22.67 -2.26
N LEU B 56 -7.29 21.96 -3.06
CA LEU B 56 -7.69 22.47 -4.35
C LEU B 56 -8.92 23.38 -4.23
N LEU B 57 -9.77 23.08 -3.25
CA LEU B 57 -10.99 23.85 -3.03
C LEU B 57 -10.69 25.31 -2.74
N SER B 58 -9.52 25.57 -2.17
CA SER B 58 -9.11 26.92 -1.83
C SER B 58 -8.32 27.56 -2.97
N LYS B 59 -8.58 27.10 -4.19
CA LYS B 59 -7.87 27.62 -5.35
C LYS B 59 -8.86 28.42 -6.18
N PRO B 60 -8.46 29.63 -6.62
CA PRO B 60 -9.30 30.52 -7.43
C PRO B 60 -10.17 29.83 -8.50
N LYS B 61 -9.54 29.08 -9.41
CA LYS B 61 -10.27 28.41 -10.47
C LYS B 61 -11.27 27.39 -9.99
N PHE B 62 -11.17 27.00 -8.73
CA PHE B 62 -12.06 25.99 -8.17
C PHE B 62 -12.92 26.51 -7.04
N SER B 63 -13.07 27.84 -6.98
CA SER B 63 -13.87 28.46 -5.93
C SER B 63 -15.34 28.07 -6.08
N GLY B 64 -15.65 27.47 -7.23
CA GLY B 64 -17.02 27.06 -7.48
C GLY B 64 -17.28 25.60 -7.16
N VAL B 65 -16.21 24.87 -6.85
CA VAL B 65 -16.35 23.44 -6.53
C VAL B 65 -16.65 23.26 -5.05
N GLU B 66 -17.76 22.58 -4.75
CA GLU B 66 -18.15 22.37 -3.37
C GLU B 66 -18.07 20.90 -2.98
N LYS B 67 -17.09 20.55 -2.16
CA LYS B 67 -16.91 19.17 -1.73
C LYS B 67 -18.13 18.77 -0.91
N ILE B 68 -18.79 17.68 -1.30
CA ILE B 68 -19.97 17.24 -0.58
C ILE B 68 -19.62 16.33 0.56
N LYS B 69 -18.82 15.32 0.28
CA LYS B 69 -18.39 14.34 1.29
C LYS B 69 -17.31 13.42 0.74
N THR B 70 -16.89 12.45 1.54
CA THR B 70 -15.86 11.52 1.13
C THR B 70 -16.32 10.13 1.48
N ILE B 71 -16.79 9.38 0.49
CA ILE B 71 -17.25 8.01 0.71
C ILE B 71 -16.06 7.06 0.76
N GLY B 72 -15.70 6.64 1.97
CA GLY B 72 -14.57 5.73 2.13
C GLY B 72 -13.32 6.38 1.57
N SER B 73 -12.90 5.92 0.39
CA SER B 73 -11.70 6.46 -0.26
C SER B 73 -12.09 7.15 -1.56
N THR B 74 -13.38 7.49 -1.66
CA THR B 74 -13.91 8.16 -2.84
C THR B 74 -14.23 9.62 -2.54
N TYR B 75 -13.92 10.51 -3.48
CA TYR B 75 -14.17 11.94 -3.32
C TYR B 75 -15.42 12.32 -4.07
N MET B 76 -16.26 13.14 -3.45
CA MET B 76 -17.51 13.58 -4.07
C MET B 76 -17.65 15.11 -3.99
N ALA B 77 -17.77 15.74 -5.16
CA ALA B 77 -17.88 17.18 -5.21
C ALA B 77 -18.86 17.63 -6.29
N ALA B 78 -19.74 18.56 -5.92
CA ALA B 78 -20.74 19.07 -6.83
C ALA B 78 -20.40 20.50 -7.26
N THR B 79 -20.43 20.74 -8.57
CA THR B 79 -20.14 22.05 -9.14
C THR B 79 -21.39 22.60 -9.81
N GLY B 80 -22.01 23.59 -9.16
CA GLY B 80 -23.21 24.17 -9.73
C GLY B 80 -24.26 24.55 -8.70
N LEU B 81 -23.91 24.46 -7.42
CA LEU B 81 -24.84 24.79 -6.36
C LEU B 81 -24.85 26.29 -6.10
N SER B 82 -23.84 26.97 -6.65
CA SER B 82 -23.71 28.41 -6.54
C SER B 82 -23.51 28.84 -5.09
N ALA B 83 -23.27 27.87 -4.21
CA ALA B 83 -23.06 28.14 -2.79
C ALA B 83 -22.99 26.83 -2.01
N ILE B 84 -22.57 26.91 -0.75
CA ILE B 84 -22.46 25.74 0.13
C ILE B 84 -22.11 24.46 -0.62
N ARG B 95 -20.63 30.76 -20.66
CA ARG B 95 -21.74 29.82 -20.77
C ARG B 95 -22.34 29.50 -19.41
N GLN B 96 -23.61 29.12 -19.41
CA GLN B 96 -24.31 28.77 -18.17
C GLN B 96 -23.94 27.36 -17.73
N TYR B 97 -23.35 26.59 -18.65
CA TYR B 97 -22.92 25.22 -18.38
C TYR B 97 -21.41 25.13 -18.36
N MET B 98 -20.77 26.23 -18.00
CA MET B 98 -19.31 26.29 -17.93
C MET B 98 -18.81 25.61 -16.65
N HIS B 99 -19.67 25.52 -15.64
CA HIS B 99 -19.33 24.89 -14.39
C HIS B 99 -19.08 23.40 -14.61
N ILE B 100 -19.50 22.91 -15.78
CA ILE B 100 -19.35 21.52 -16.17
C ILE B 100 -17.90 21.30 -16.53
N GLY B 101 -17.37 22.17 -17.38
CA GLY B 101 -15.97 22.07 -17.77
C GLY B 101 -15.03 22.28 -16.60
N THR B 102 -15.44 23.13 -15.66
CA THR B 102 -14.64 23.39 -14.50
C THR B 102 -14.51 22.12 -13.70
N MET B 103 -15.63 21.45 -13.47
CA MET B 103 -15.63 20.20 -12.71
C MET B 103 -14.62 19.23 -13.31
N VAL B 104 -14.56 19.17 -14.64
CA VAL B 104 -13.62 18.29 -15.32
C VAL B 104 -12.22 18.72 -14.99
N GLU B 105 -11.99 20.01 -14.89
CA GLU B 105 -10.66 20.51 -14.55
C GLU B 105 -10.27 20.14 -13.13
N PHE B 106 -11.28 19.91 -12.29
CA PHE B 106 -11.06 19.53 -10.90
C PHE B 106 -10.67 18.03 -10.89
N ALA B 107 -11.24 17.28 -11.82
CA ALA B 107 -10.95 15.86 -11.91
C ALA B 107 -9.48 15.73 -12.23
N TYR B 108 -9.05 16.42 -13.29
CA TYR B 108 -7.66 16.39 -13.70
C TYR B 108 -6.80 16.89 -12.56
N ALA B 109 -7.29 17.89 -11.87
CA ALA B 109 -6.56 18.47 -10.75
C ALA B 109 -6.25 17.39 -9.73
N LEU B 110 -7.24 16.55 -9.43
CA LEU B 110 -7.07 15.49 -8.46
C LEU B 110 -6.01 14.54 -8.93
N VAL B 111 -6.06 14.21 -10.23
CA VAL B 111 -5.09 13.29 -10.84
C VAL B 111 -3.68 13.81 -10.61
N GLY B 112 -3.49 15.07 -10.98
CA GLY B 112 -2.19 15.69 -10.79
C GLY B 112 -1.66 15.59 -9.37
N LYS B 113 -2.57 15.54 -8.40
CA LYS B 113 -2.18 15.46 -7.00
C LYS B 113 -2.03 14.03 -6.50
N LEU B 114 -2.81 13.11 -7.06
CA LEU B 114 -2.73 11.72 -6.64
C LEU B 114 -1.39 11.20 -7.10
N ASP B 115 -0.99 11.60 -8.30
CA ASP B 115 0.29 11.17 -8.88
C ASP B 115 1.43 11.74 -8.09
N ALA B 116 1.24 12.95 -7.59
CA ALA B 116 2.27 13.59 -6.78
C ALA B 116 2.51 12.74 -5.52
N ILE B 117 1.44 12.28 -4.89
CA ILE B 117 1.51 11.45 -3.70
C ILE B 117 2.33 10.21 -4.00
N ASN B 118 2.01 9.56 -5.12
CA ASN B 118 2.71 8.34 -5.51
C ASN B 118 4.21 8.59 -5.54
N LYS B 119 4.59 9.72 -6.12
CA LYS B 119 5.99 10.09 -6.24
C LYS B 119 6.77 9.89 -4.94
N HIS B 120 6.15 10.25 -3.82
CA HIS B 120 6.78 10.12 -2.51
C HIS B 120 6.24 8.94 -1.73
N SER B 121 5.24 8.28 -2.28
CA SER B 121 4.64 7.15 -1.59
C SER B 121 5.18 5.83 -2.16
N PHE B 122 5.60 5.85 -3.43
CA PHE B 122 6.12 4.67 -4.11
C PHE B 122 5.01 3.78 -4.66
N ASN B 123 3.77 4.27 -4.65
CA ASN B 123 2.60 3.55 -5.17
C ASN B 123 2.38 3.96 -6.62
N ASP B 124 1.29 3.47 -7.20
CA ASP B 124 0.91 3.83 -8.57
C ASP B 124 -0.62 4.02 -8.58
N PHE B 125 -1.11 4.64 -7.50
CA PHE B 125 -2.53 4.92 -7.33
C PHE B 125 -3.14 5.67 -8.50
N LYS B 126 -4.12 5.06 -9.14
CA LYS B 126 -4.79 5.66 -10.28
C LYS B 126 -6.21 6.06 -9.88
N LEU B 127 -6.62 7.25 -10.34
CA LEU B 127 -7.95 7.77 -10.03
C LEU B 127 -8.97 7.36 -11.08
N ARG B 128 -10.20 7.13 -10.64
CA ARG B 128 -11.29 6.74 -11.54
C ARG B 128 -12.41 7.75 -11.32
N VAL B 129 -12.69 8.58 -12.31
CA VAL B 129 -13.71 9.62 -12.20
C VAL B 129 -14.94 9.49 -13.08
N GLY B 130 -16.10 9.75 -12.49
CA GLY B 130 -17.34 9.70 -13.23
C GLY B 130 -18.10 11.00 -12.98
N ILE B 131 -18.18 11.85 -14.01
CA ILE B 131 -18.87 13.12 -13.93
C ILE B 131 -20.23 13.12 -14.66
N ASN B 132 -21.20 13.83 -14.09
CA ASN B 132 -22.52 13.94 -14.69
C ASN B 132 -23.19 15.22 -14.18
N HIS B 133 -24.19 15.71 -14.92
CA HIS B 133 -24.90 16.92 -14.53
C HIS B 133 -26.40 16.76 -14.69
N GLY B 134 -27.16 17.61 -14.02
CA GLY B 134 -28.60 17.52 -14.10
C GLY B 134 -29.28 18.07 -12.84
N PRO B 135 -30.59 17.89 -12.70
CA PRO B 135 -31.32 18.38 -11.53
C PRO B 135 -31.04 17.58 -10.26
N VAL B 136 -30.82 18.30 -9.16
CA VAL B 136 -30.54 17.68 -7.87
C VAL B 136 -31.26 18.42 -6.76
N ILE B 137 -31.45 17.78 -5.62
CA ILE B 137 -32.12 18.40 -4.50
C ILE B 137 -31.13 18.55 -3.33
N ALA B 138 -30.55 19.74 -3.23
CA ALA B 138 -29.57 20.04 -2.17
C ALA B 138 -30.30 20.27 -0.87
N GLY B 139 -29.63 19.98 0.23
CA GLY B 139 -30.24 20.14 1.53
C GLY B 139 -29.52 19.39 2.64
N VAL B 140 -30.14 19.35 3.81
CA VAL B 140 -29.56 18.68 4.97
C VAL B 140 -30.49 17.57 5.48
N ILE B 141 -29.91 16.52 6.01
CA ILE B 141 -30.69 15.41 6.53
C ILE B 141 -30.05 14.87 7.81
N GLY B 142 -30.87 14.32 8.71
CA GLY B 142 -30.36 13.80 9.95
C GLY B 142 -30.64 14.74 11.10
N ALA B 143 -31.60 14.36 11.94
CA ALA B 143 -31.98 15.16 13.10
C ALA B 143 -30.80 15.39 14.08
N GLN B 144 -30.22 14.31 14.59
CA GLN B 144 -29.12 14.40 15.54
C GLN B 144 -28.06 15.41 15.10
N LYS B 145 -27.26 15.05 14.11
CA LYS B 145 -26.23 15.96 13.64
C LYS B 145 -26.49 16.29 12.17
N PRO B 146 -27.32 17.30 11.91
CA PRO B 146 -27.70 17.77 10.57
C PRO B 146 -26.52 17.88 9.61
N GLN B 147 -26.63 17.21 8.46
CA GLN B 147 -25.56 17.21 7.46
C GLN B 147 -26.08 17.56 6.06
N TYR B 148 -25.29 18.33 5.33
CA TYR B 148 -25.66 18.76 3.98
C TYR B 148 -25.35 17.69 2.94
N ASP B 149 -26.32 17.40 2.08
CA ASP B 149 -26.17 16.40 1.03
C ASP B 149 -27.16 16.62 -0.11
N ILE B 150 -26.82 16.17 -1.31
CA ILE B 150 -27.68 16.32 -2.48
C ILE B 150 -28.35 15.01 -2.88
N TRP B 151 -29.53 15.11 -3.47
CA TRP B 151 -30.25 13.92 -3.90
C TRP B 151 -30.77 14.08 -5.32
N GLY B 152 -31.19 12.98 -5.93
CA GLY B 152 -31.70 13.02 -7.29
C GLY B 152 -31.04 11.99 -8.18
N ASN B 153 -31.70 11.66 -9.29
CA ASN B 153 -31.19 10.67 -10.21
C ASN B 153 -29.81 11.08 -10.75
N THR B 154 -29.61 12.38 -10.86
CA THR B 154 -28.36 12.91 -11.37
C THR B 154 -27.15 12.33 -10.67
N VAL B 155 -27.15 12.37 -9.34
CA VAL B 155 -26.03 11.83 -8.58
C VAL B 155 -25.82 10.33 -8.80
N ASN B 156 -26.92 9.58 -8.86
CA ASN B 156 -26.86 8.15 -9.05
C ASN B 156 -26.11 7.81 -10.33
N VAL B 157 -26.52 8.44 -11.43
CA VAL B 157 -25.87 8.18 -12.72
C VAL B 157 -24.38 8.49 -12.66
N ALA B 158 -24.04 9.59 -12.00
CA ALA B 158 -22.65 10.01 -11.86
C ALA B 158 -21.88 8.88 -11.19
N SER B 159 -22.36 8.49 -10.02
CA SER B 159 -21.75 7.40 -9.27
C SER B 159 -21.59 6.17 -10.15
N ARG B 160 -22.70 5.73 -10.75
CA ARG B 160 -22.67 4.57 -11.60
C ARG B 160 -21.62 4.69 -12.68
N MET B 161 -21.27 5.92 -13.05
CA MET B 161 -20.24 6.13 -14.07
C MET B 161 -18.86 6.15 -13.45
N ASP B 162 -18.79 5.84 -12.17
CA ASP B 162 -17.52 5.81 -11.47
C ASP B 162 -17.23 4.36 -11.12
N SER B 163 -18.26 3.64 -10.69
CA SER B 163 -18.09 2.25 -10.33
C SER B 163 -17.91 1.41 -11.58
N THR B 164 -18.22 2.02 -12.72
CA THR B 164 -18.12 1.36 -14.01
C THR B 164 -17.23 2.14 -14.96
N GLY B 165 -16.20 2.74 -14.42
CA GLY B 165 -15.28 3.53 -15.24
C GLY B 165 -13.99 2.82 -15.51
N VAL B 166 -12.96 3.60 -15.81
CA VAL B 166 -11.63 3.05 -16.09
C VAL B 166 -10.56 3.95 -15.47
N LEU B 167 -9.52 3.34 -14.90
CA LEU B 167 -8.44 4.08 -14.27
C LEU B 167 -7.89 5.16 -15.17
N ASP B 168 -7.74 6.37 -14.62
CA ASP B 168 -7.23 7.53 -15.35
C ASP B 168 -8.13 7.96 -16.49
N LYS B 169 -9.44 7.82 -16.27
CA LYS B 169 -10.42 8.18 -17.27
C LYS B 169 -11.68 8.78 -16.65
N ILE B 170 -12.29 9.73 -17.34
CA ILE B 170 -13.52 10.37 -16.89
C ILE B 170 -14.71 9.88 -17.74
N GLN B 171 -15.69 9.26 -17.08
CA GLN B 171 -16.85 8.73 -17.81
C GLN B 171 -18.03 9.66 -17.72
N VAL B 172 -18.52 10.11 -18.87
CA VAL B 172 -19.64 11.03 -18.94
C VAL B 172 -20.74 10.50 -19.84
N THR B 173 -21.97 10.91 -19.57
CA THR B 173 -23.12 10.49 -20.37
C THR B 173 -23.19 11.27 -21.68
N GLU B 174 -24.16 10.93 -22.51
CA GLU B 174 -24.33 11.60 -23.80
C GLU B 174 -24.43 13.12 -23.65
N GLU B 175 -25.53 13.56 -23.04
CA GLU B 175 -25.76 14.99 -22.83
C GLU B 175 -24.51 15.67 -22.30
N THR B 176 -23.83 15.00 -21.38
CA THR B 176 -22.64 15.54 -20.78
C THR B 176 -21.49 15.59 -21.78
N SER B 177 -21.35 14.54 -22.56
CA SER B 177 -20.28 14.50 -23.55
C SER B 177 -20.46 15.63 -24.55
N LEU B 178 -21.71 15.83 -24.99
CA LEU B 178 -22.02 16.88 -25.95
C LEU B 178 -21.55 18.23 -25.45
N ILE B 179 -22.04 18.62 -24.27
CA ILE B 179 -21.66 19.91 -23.67
C ILE B 179 -20.13 20.03 -23.58
N LEU B 180 -19.48 18.96 -23.13
CA LEU B 180 -18.03 18.96 -22.98
C LEU B 180 -17.36 19.26 -24.32
N GLN B 181 -17.99 18.83 -25.40
CA GLN B 181 -17.44 19.06 -26.73
C GLN B 181 -17.65 20.50 -27.16
N THR B 182 -18.74 21.10 -26.72
CA THR B 182 -19.01 22.49 -27.06
C THR B 182 -18.08 23.36 -26.25
N LEU B 183 -17.37 22.73 -25.31
CA LEU B 183 -16.44 23.45 -24.46
C LEU B 183 -15.02 23.24 -24.95
N GLY B 184 -14.83 22.24 -25.81
CA GLY B 184 -13.51 21.97 -26.35
C GLY B 184 -12.95 20.59 -26.08
N TYR B 185 -13.74 19.77 -25.39
CA TYR B 185 -13.29 18.42 -25.06
C TYR B 185 -13.76 17.41 -26.10
N THR B 186 -12.92 16.42 -26.38
CA THR B 186 -13.25 15.36 -27.33
C THR B 186 -13.62 14.12 -26.53
N CYS B 187 -14.63 13.40 -26.98
CA CYS B 187 -15.08 12.21 -26.26
C CYS B 187 -15.15 10.96 -27.11
N THR B 188 -14.91 9.81 -26.50
CA THR B 188 -14.97 8.53 -27.18
C THR B 188 -16.00 7.66 -26.51
N CYS B 189 -16.85 7.03 -27.30
CA CYS B 189 -17.92 6.17 -26.79
C CYS B 189 -17.40 4.87 -26.19
N ARG B 190 -17.43 4.78 -24.86
CA ARG B 190 -16.98 3.57 -24.19
C ARG B 190 -17.83 2.38 -24.63
N GLY B 191 -19.14 2.59 -24.61
CA GLY B 191 -20.08 1.55 -24.99
C GLY B 191 -21.39 1.75 -24.24
N ILE B 192 -21.96 0.67 -23.75
CA ILE B 192 -23.22 0.73 -23.03
C ILE B 192 -23.02 0.25 -21.60
N ILE B 193 -23.61 0.97 -20.66
CA ILE B 193 -23.51 0.62 -19.25
C ILE B 193 -24.93 0.53 -18.68
N ASN B 194 -25.16 -0.42 -17.77
CA ASN B 194 -26.48 -0.57 -17.20
C ASN B 194 -26.64 0.08 -15.82
N VAL B 195 -27.63 0.96 -15.71
CA VAL B 195 -27.92 1.64 -14.45
C VAL B 195 -29.30 1.16 -13.99
N LYS B 196 -29.32 0.41 -12.89
CA LYS B 196 -30.56 -0.15 -12.37
C LYS B 196 -31.65 0.89 -12.25
N GLY B 197 -32.85 0.54 -12.73
CA GLY B 197 -33.96 1.46 -12.65
C GLY B 197 -33.96 2.44 -13.80
N LYS B 198 -32.87 2.45 -14.57
CA LYS B 198 -32.78 3.35 -15.72
C LYS B 198 -32.41 2.58 -16.99
N GLY B 199 -32.07 1.30 -16.82
CA GLY B 199 -31.75 0.46 -17.97
C GLY B 199 -30.31 0.60 -18.44
N ASP B 200 -30.15 0.69 -19.76
CA ASP B 200 -28.82 0.84 -20.37
C ASP B 200 -28.58 2.23 -20.92
N LEU B 201 -27.38 2.75 -20.70
CA LEU B 201 -27.02 4.08 -21.16
C LEU B 201 -25.74 4.04 -21.99
N LYS B 202 -25.49 5.10 -22.73
CA LYS B 202 -24.30 5.19 -23.56
C LYS B 202 -23.36 6.21 -22.95
N THR B 203 -22.20 5.75 -22.49
CA THR B 203 -21.21 6.61 -21.88
C THR B 203 -19.99 6.88 -22.77
N TYR B 204 -19.28 7.95 -22.49
CA TYR B 204 -18.10 8.30 -23.25
C TYR B 204 -16.93 8.64 -22.31
N PHE B 205 -15.71 8.58 -22.84
CA PHE B 205 -14.52 8.90 -22.05
C PHE B 205 -13.89 10.21 -22.51
N VAL B 206 -13.78 11.17 -21.60
CA VAL B 206 -13.21 12.45 -21.96
C VAL B 206 -11.75 12.26 -22.34
N ASN B 207 -11.44 12.46 -23.63
CA ASN B 207 -10.08 12.30 -24.13
C ASN B 207 -9.15 13.37 -23.62
N THR B 208 -7.93 12.98 -23.27
CA THR B 208 -6.93 13.90 -22.74
C THR B 208 -5.78 14.03 -23.74
N ALA C 39 13.61 6.22 26.29
CA ALA C 39 14.66 6.41 25.25
C ALA C 39 14.63 5.25 24.26
N THR C 40 13.57 5.20 23.46
CA THR C 40 13.42 4.14 22.45
C THR C 40 13.40 4.74 21.03
N HIS C 41 14.39 4.35 20.23
CA HIS C 41 14.51 4.85 18.86
C HIS C 41 13.92 3.89 17.84
N ARG C 42 13.44 4.44 16.72
CA ARG C 42 12.88 3.64 15.66
C ARG C 42 13.71 3.81 14.40
N LEU C 43 14.49 2.78 14.06
CA LEU C 43 15.36 2.81 12.89
C LEU C 43 14.74 2.08 11.71
N LEU C 44 14.76 2.71 10.54
CA LEU C 44 14.18 2.12 9.34
C LEU C 44 15.30 1.91 8.34
N LEU C 45 15.43 0.68 7.86
CA LEU C 45 16.47 0.35 6.88
C LEU C 45 15.93 0.41 5.46
N LEU C 46 16.49 1.32 4.66
CA LEU C 46 16.07 1.47 3.27
C LEU C 46 17.25 1.14 2.36
N GLY C 47 16.94 0.95 1.09
CA GLY C 47 17.96 0.62 0.12
C GLY C 47 17.37 -0.27 -0.96
N ALA C 48 18.04 -0.33 -2.11
CA ALA C 48 17.58 -1.14 -3.22
C ALA C 48 17.65 -2.63 -2.86
N GLY C 49 17.23 -3.47 -3.79
CA GLY C 49 17.25 -4.89 -3.52
C GLY C 49 18.65 -5.46 -3.39
N GLU C 50 18.78 -6.41 -2.47
CA GLU C 50 20.05 -7.08 -2.20
C GLU C 50 21.16 -6.08 -1.82
N SER C 51 20.75 -4.94 -1.28
CA SER C 51 21.69 -3.91 -0.90
C SER C 51 22.43 -4.32 0.35
N GLY C 52 21.81 -5.19 1.13
CA GLY C 52 22.42 -5.66 2.36
C GLY C 52 21.71 -5.24 3.63
N LYS C 53 20.39 -5.10 3.55
CA LYS C 53 19.60 -4.69 4.70
C LYS C 53 19.48 -5.79 5.73
N SER C 54 18.77 -6.87 5.39
CA SER C 54 18.57 -7.99 6.29
C SER C 54 19.85 -8.50 6.92
N THR C 55 20.98 -8.32 6.23
CA THR C 55 22.26 -8.75 6.74
C THR C 55 22.67 -7.90 7.95
N ILE C 56 22.34 -6.61 7.93
CA ILE C 56 22.67 -5.73 9.03
C ILE C 56 21.82 -6.04 10.24
N VAL C 57 20.55 -6.37 10.01
CA VAL C 57 19.65 -6.69 11.11
C VAL C 57 20.17 -7.94 11.81
N LYS C 58 20.68 -8.88 11.03
CA LYS C 58 21.21 -10.12 11.59
C LYS C 58 22.35 -9.78 12.56
N GLN C 59 23.21 -8.87 12.15
CA GLN C 59 24.33 -8.44 12.96
C GLN C 59 23.82 -7.87 14.27
N MET C 60 22.80 -7.03 14.18
CA MET C 60 22.22 -6.43 15.38
C MET C 60 21.71 -7.52 16.32
N ARG C 61 21.36 -8.67 15.76
CA ARG C 61 20.87 -9.78 16.55
C ARG C 61 22.06 -10.64 17.01
N ILE C 62 23.18 -10.54 16.31
CA ILE C 62 24.37 -11.31 16.63
C ILE C 62 25.19 -10.56 17.65
N LEU C 63 25.01 -9.25 17.69
CA LEU C 63 25.75 -8.42 18.61
C LEU C 63 25.01 -8.10 19.90
N HIS C 64 23.81 -7.57 19.75
CA HIS C 64 23.01 -7.17 20.91
C HIS C 64 21.88 -8.14 21.23
N VAL C 65 22.00 -9.37 20.75
CA VAL C 65 20.98 -10.39 21.00
C VAL C 65 21.63 -11.77 21.12
N LYS C 88 20.71 -23.98 11.47
CA LYS C 88 19.54 -24.57 12.10
C LYS C 88 18.71 -25.33 11.09
N ALA C 89 18.17 -26.47 11.52
CA ALA C 89 17.36 -27.34 10.65
C ALA C 89 16.48 -26.54 9.69
N THR C 90 15.95 -25.43 10.17
CA THR C 90 15.09 -24.58 9.35
C THR C 90 15.85 -23.76 8.29
N LYS C 91 16.97 -23.15 8.71
CA LYS C 91 17.78 -22.35 7.79
C LYS C 91 18.70 -23.16 6.90
N VAL C 92 19.09 -24.36 7.37
CA VAL C 92 19.96 -25.23 6.60
C VAL C 92 19.36 -25.40 5.21
N GLN C 93 18.06 -25.67 5.18
CA GLN C 93 17.33 -25.85 3.93
C GLN C 93 17.64 -24.71 2.97
N ASP C 94 17.43 -23.48 3.44
CA ASP C 94 17.68 -22.29 2.64
C ASP C 94 19.10 -22.26 2.12
N ILE C 95 20.06 -22.51 3.02
CA ILE C 95 21.46 -22.51 2.62
C ILE C 95 21.68 -23.41 1.39
N LYS C 96 21.15 -24.63 1.42
CA LYS C 96 21.29 -25.55 0.30
C LYS C 96 20.63 -24.92 -0.93
N ASN C 97 19.46 -24.32 -0.71
CA ASN C 97 18.74 -23.68 -1.79
C ASN C 97 19.59 -22.59 -2.45
N ASN C 98 20.28 -21.81 -1.64
CA ASN C 98 21.13 -20.76 -2.16
C ASN C 98 22.22 -21.41 -3.02
N LEU C 99 22.72 -22.55 -2.56
CA LEU C 99 23.76 -23.27 -3.28
C LEU C 99 23.26 -23.81 -4.63
N LYS C 100 22.06 -24.38 -4.60
CA LYS C 100 21.48 -24.91 -5.82
C LYS C 100 21.16 -23.78 -6.79
N GLU C 101 20.35 -22.85 -6.34
CA GLU C 101 19.96 -21.71 -7.16
C GLU C 101 21.16 -20.90 -7.56
N ALA C 102 22.34 -21.30 -7.09
CA ALA C 102 23.57 -20.61 -7.42
C ALA C 102 24.22 -21.26 -8.61
N ILE C 103 24.67 -22.50 -8.41
CA ILE C 103 25.32 -23.26 -9.47
C ILE C 103 24.50 -23.30 -10.76
N GLU C 104 23.22 -23.62 -10.65
CA GLU C 104 22.37 -23.69 -11.82
C GLU C 104 22.33 -22.39 -12.59
N THR C 105 22.55 -21.27 -11.88
CA THR C 105 22.53 -19.96 -12.52
C THR C 105 23.77 -19.73 -13.40
N ILE C 106 24.93 -20.14 -12.92
CA ILE C 106 26.15 -19.97 -13.70
C ILE C 106 26.08 -20.79 -14.98
N VAL C 107 25.88 -22.10 -14.85
CA VAL C 107 25.85 -23.01 -15.99
C VAL C 107 24.88 -22.54 -17.05
N ALA C 108 23.66 -22.24 -16.64
CA ALA C 108 22.63 -21.77 -17.57
C ALA C 108 23.00 -20.48 -18.29
N ALA C 109 23.94 -19.75 -17.73
CA ALA C 109 24.34 -18.48 -18.31
C ALA C 109 25.58 -18.59 -19.17
N MET C 110 25.94 -19.79 -19.57
CA MET C 110 27.15 -19.96 -20.38
C MET C 110 26.80 -19.90 -21.85
N SER C 111 25.71 -20.55 -22.22
CA SER C 111 25.26 -20.60 -23.61
C SER C 111 24.57 -19.31 -24.03
N ASN C 112 24.07 -18.57 -23.05
CA ASN C 112 23.38 -17.32 -23.32
C ASN C 112 24.31 -16.12 -23.46
N LEU C 113 25.40 -16.14 -22.72
CA LEU C 113 26.36 -15.04 -22.82
C LEU C 113 26.91 -14.85 -24.26
N VAL C 114 27.39 -13.64 -24.54
CA VAL C 114 27.94 -13.32 -25.84
C VAL C 114 29.26 -12.59 -25.67
N PRO C 115 30.37 -13.22 -26.06
CA PRO C 115 30.41 -14.58 -26.64
C PRO C 115 30.05 -15.64 -25.61
N PRO C 116 29.53 -16.78 -26.08
CA PRO C 116 29.15 -17.88 -25.20
C PRO C 116 30.37 -18.57 -24.59
N VAL C 117 30.26 -18.96 -23.32
CA VAL C 117 31.36 -19.62 -22.62
C VAL C 117 31.27 -21.12 -22.79
N GLU C 118 32.38 -21.75 -23.14
CA GLU C 118 32.43 -23.19 -23.34
C GLU C 118 33.21 -23.86 -22.22
N LEU C 119 32.77 -25.07 -21.86
CA LEU C 119 33.43 -25.81 -20.79
C LEU C 119 34.86 -26.15 -21.17
N ALA C 120 35.67 -26.44 -20.15
CA ALA C 120 37.07 -26.81 -20.36
C ALA C 120 37.17 -28.33 -20.44
N ASN C 121 36.17 -29.02 -19.88
CA ASN C 121 36.11 -30.47 -19.88
C ASN C 121 34.76 -30.94 -20.42
N PRO C 122 34.70 -31.28 -21.72
CA PRO C 122 33.49 -31.74 -22.39
C PRO C 122 32.74 -32.81 -21.60
N GLU C 123 33.45 -33.50 -20.73
CA GLU C 123 32.85 -34.55 -19.91
C GLU C 123 31.71 -33.98 -19.05
N ASN C 124 32.01 -32.86 -18.37
CA ASN C 124 31.04 -32.22 -17.50
C ASN C 124 29.75 -31.87 -18.21
N GLN C 125 29.75 -31.90 -19.53
CA GLN C 125 28.56 -31.57 -20.30
C GLN C 125 27.37 -32.36 -19.77
N PHE C 126 27.64 -33.56 -19.27
CA PHE C 126 26.58 -34.41 -18.73
C PHE C 126 26.08 -33.87 -17.41
N ARG C 127 27.01 -33.45 -16.57
CA ARG C 127 26.67 -32.88 -15.27
C ARG C 127 25.86 -31.58 -15.49
N VAL C 128 26.18 -30.89 -16.58
CA VAL C 128 25.48 -29.66 -16.94
C VAL C 128 24.00 -29.99 -17.24
N ASP C 129 23.79 -31.12 -17.90
CA ASP C 129 22.43 -31.54 -18.24
C ASP C 129 21.68 -31.91 -16.97
N TYR C 130 22.38 -32.57 -16.04
CA TYR C 130 21.77 -32.97 -14.78
C TYR C 130 21.24 -31.74 -14.03
N ILE C 131 22.11 -30.76 -13.85
CA ILE C 131 21.74 -29.53 -13.16
C ILE C 131 20.55 -28.82 -13.82
N LEU C 132 20.49 -28.88 -15.15
CA LEU C 132 19.43 -28.23 -15.90
C LEU C 132 18.16 -29.04 -15.96
N SER C 133 18.20 -30.25 -15.41
CA SER C 133 17.02 -31.09 -15.42
C SER C 133 16.27 -30.97 -14.10
N VAL C 134 16.99 -30.65 -13.03
CA VAL C 134 16.39 -30.50 -11.71
C VAL C 134 16.38 -29.05 -11.26
N MET C 135 16.45 -28.14 -12.23
CA MET C 135 16.46 -26.72 -11.93
C MET C 135 15.11 -26.23 -11.42
N ASN C 136 14.08 -27.06 -11.56
CA ASN C 136 12.76 -26.65 -11.09
C ASN C 136 12.02 -27.76 -10.34
N VAL C 137 12.72 -28.49 -9.47
CA VAL C 137 12.09 -29.55 -8.71
C VAL C 137 11.43 -28.96 -7.46
N PRO C 138 10.14 -29.25 -7.25
CA PRO C 138 9.37 -28.77 -6.10
C PRO C 138 10.10 -28.91 -4.78
N ASP C 139 10.33 -30.15 -4.34
CA ASP C 139 11.02 -30.40 -3.08
C ASP C 139 12.28 -31.22 -3.32
N PHE C 140 13.32 -30.57 -3.83
CA PHE C 140 14.58 -31.25 -4.13
C PHE C 140 15.16 -31.84 -2.85
N ASP C 141 15.28 -33.17 -2.83
CA ASP C 141 15.82 -33.90 -1.68
C ASP C 141 17.31 -33.73 -1.54
N PHE C 142 17.93 -33.05 -2.50
CA PHE C 142 19.37 -32.81 -2.46
C PHE C 142 20.15 -34.13 -2.25
N PRO C 143 20.07 -35.05 -3.21
CA PRO C 143 20.76 -36.33 -3.12
C PRO C 143 22.28 -36.16 -3.18
N PRO C 144 23.02 -37.16 -2.68
CA PRO C 144 24.49 -37.13 -2.68
C PRO C 144 25.09 -36.75 -4.04
N GLU C 145 24.35 -37.07 -5.11
CA GLU C 145 24.80 -36.80 -6.48
C GLU C 145 25.00 -35.31 -6.71
N PHE C 146 23.92 -34.55 -6.50
CA PHE C 146 23.96 -33.11 -6.69
C PHE C 146 25.28 -32.47 -6.28
N TYR C 147 25.67 -32.71 -5.03
CA TYR C 147 26.90 -32.18 -4.50
C TYR C 147 28.12 -32.56 -5.33
N GLU C 148 28.20 -33.83 -5.72
CA GLU C 148 29.31 -34.30 -6.52
C GLU C 148 29.31 -33.56 -7.85
N HIS C 149 28.18 -33.59 -8.54
CA HIS C 149 28.03 -32.93 -9.82
C HIS C 149 28.31 -31.42 -9.70
N ALA C 150 27.69 -30.81 -8.70
CA ALA C 150 27.86 -29.38 -8.44
C ALA C 150 29.34 -29.00 -8.35
N LYS C 151 30.03 -29.60 -7.36
CA LYS C 151 31.44 -29.31 -7.16
C LYS C 151 32.23 -29.58 -8.43
N ALA C 152 31.90 -30.68 -9.08
CA ALA C 152 32.56 -31.06 -10.33
C ALA C 152 32.49 -29.91 -11.32
N LEU C 153 31.32 -29.28 -11.41
CA LEU C 153 31.13 -28.16 -12.32
C LEU C 153 31.88 -26.95 -11.83
N TRP C 154 31.75 -26.65 -10.54
CA TRP C 154 32.41 -25.48 -9.97
C TRP C 154 33.92 -25.54 -10.19
N GLU C 155 34.44 -26.77 -10.25
CA GLU C 155 35.88 -26.96 -10.45
C GLU C 155 36.26 -26.80 -11.91
N ASP C 156 35.27 -26.92 -12.79
CA ASP C 156 35.52 -26.78 -14.21
C ASP C 156 35.87 -25.33 -14.53
N GLU C 157 37.12 -25.11 -14.92
CA GLU C 157 37.60 -23.77 -15.28
C GLU C 157 36.63 -22.98 -16.17
N GLY C 158 35.93 -23.68 -17.04
CA GLY C 158 34.98 -23.02 -17.92
C GLY C 158 33.87 -22.38 -17.13
N VAL C 159 33.31 -23.13 -16.18
CA VAL C 159 32.23 -22.62 -15.34
C VAL C 159 32.65 -21.34 -14.63
N ARG C 160 33.85 -21.37 -14.05
CA ARG C 160 34.38 -20.20 -13.34
C ARG C 160 34.57 -19.03 -14.30
N ALA C 161 35.03 -19.33 -15.51
CA ALA C 161 35.24 -18.31 -16.53
C ALA C 161 33.92 -17.58 -16.74
N CYS C 162 32.83 -18.30 -16.50
CA CYS C 162 31.50 -17.73 -16.64
C CYS C 162 31.11 -16.99 -15.35
N TYR C 163 31.77 -17.35 -14.26
CA TYR C 163 31.50 -16.73 -12.98
C TYR C 163 32.00 -15.30 -12.96
N GLU C 164 33.18 -15.09 -13.54
CA GLU C 164 33.76 -13.75 -13.59
C GLU C 164 32.85 -12.77 -14.32
N ARG C 165 31.88 -13.29 -15.06
CA ARG C 165 30.95 -12.46 -15.80
C ARG C 165 29.56 -12.52 -15.18
N SER C 166 29.51 -12.81 -13.88
CA SER C 166 28.25 -12.90 -13.16
C SER C 166 27.54 -11.56 -13.12
N ASN C 167 28.18 -10.52 -13.64
CA ASN C 167 27.58 -9.19 -13.65
C ASN C 167 26.70 -9.04 -14.89
N GLU C 168 26.84 -9.98 -15.82
CA GLU C 168 26.06 -9.96 -17.04
C GLU C 168 24.75 -10.72 -16.90
N TYR C 169 24.45 -11.15 -15.68
CA TYR C 169 23.23 -11.88 -15.40
C TYR C 169 22.98 -11.93 -13.90
N GLN C 170 21.72 -11.94 -13.50
CA GLN C 170 21.34 -11.96 -12.10
C GLN C 170 21.89 -13.17 -11.36
N LEU C 171 22.75 -12.91 -10.38
CA LEU C 171 23.36 -13.97 -9.59
C LEU C 171 23.62 -13.51 -8.18
N ILE C 172 23.12 -14.29 -7.22
CA ILE C 172 23.29 -13.95 -5.80
C ILE C 172 24.77 -13.77 -5.42
N ASP C 173 25.03 -13.13 -4.28
CA ASP C 173 26.40 -12.89 -3.82
C ASP C 173 27.03 -14.06 -3.08
N CYS C 174 26.21 -14.83 -2.39
CA CYS C 174 26.73 -15.96 -1.63
C CYS C 174 27.19 -17.12 -2.52
N ALA C 175 27.25 -16.87 -3.84
CA ALA C 175 27.67 -17.90 -4.79
C ALA C 175 29.06 -18.40 -4.46
N GLN C 176 30.04 -17.52 -4.55
CA GLN C 176 31.42 -17.87 -4.25
C GLN C 176 31.49 -18.60 -2.91
N TYR C 177 31.05 -17.94 -1.84
CA TYR C 177 31.07 -18.47 -0.48
C TYR C 177 30.63 -19.92 -0.39
N PHE C 178 29.35 -20.19 -0.67
CA PHE C 178 28.84 -21.56 -0.58
C PHE C 178 29.48 -22.59 -1.53
N LEU C 179 29.65 -22.23 -2.80
CA LEU C 179 30.26 -23.15 -3.75
C LEU C 179 31.62 -23.62 -3.27
N ASP C 180 32.49 -22.70 -2.84
CA ASP C 180 33.81 -23.10 -2.40
C ASP C 180 33.75 -24.12 -1.28
N LYS C 181 32.60 -24.22 -0.63
CA LYS C 181 32.44 -25.18 0.48
C LYS C 181 31.27 -26.14 0.34
N ILE C 182 31.26 -26.91 -0.74
CA ILE C 182 30.20 -27.87 -0.98
C ILE C 182 30.37 -29.07 -0.05
N ASP C 183 31.62 -29.45 0.18
CA ASP C 183 31.94 -30.58 1.02
C ASP C 183 31.49 -30.40 2.47
N VAL C 184 31.30 -29.16 2.87
CA VAL C 184 30.86 -28.87 4.23
C VAL C 184 29.32 -28.94 4.37
N ILE C 185 28.61 -28.40 3.38
CA ILE C 185 27.17 -28.37 3.42
C ILE C 185 26.54 -29.72 3.06
N LYS C 186 27.29 -30.56 2.34
CA LYS C 186 26.80 -31.89 1.93
C LYS C 186 26.64 -32.84 3.13
N GLN C 187 27.42 -32.63 4.18
CA GLN C 187 27.37 -33.44 5.40
C GLN C 187 25.97 -33.50 6.00
N ASP C 188 25.70 -34.59 6.71
CA ASP C 188 24.39 -34.78 7.33
C ASP C 188 24.35 -34.12 8.68
N ASP C 189 25.52 -33.77 9.17
CA ASP C 189 25.64 -33.13 10.48
C ASP C 189 25.89 -31.65 10.34
N TYR C 190 25.78 -31.16 9.11
CA TYR C 190 26.02 -29.75 8.81
C TYR C 190 25.39 -28.79 9.82
N VAL C 191 26.22 -27.89 10.35
CA VAL C 191 25.78 -26.89 11.32
C VAL C 191 26.19 -25.49 10.83
N PRO C 192 25.22 -24.72 10.34
CA PRO C 192 25.45 -23.37 9.82
C PRO C 192 26.16 -22.46 10.81
N SER C 193 27.33 -21.96 10.40
CA SER C 193 28.08 -21.05 11.24
C SER C 193 27.51 -19.62 11.10
N ASP C 194 27.78 -18.77 12.09
CA ASP C 194 27.29 -17.41 12.04
C ASP C 194 27.52 -16.80 10.68
N GLN C 195 28.69 -17.04 10.09
CA GLN C 195 29.01 -16.49 8.80
C GLN C 195 28.12 -17.08 7.71
N ASP C 196 27.80 -18.37 7.82
CA ASP C 196 26.94 -19.03 6.84
C ASP C 196 25.58 -18.37 6.83
N LEU C 197 25.05 -18.06 8.00
CA LEU C 197 23.75 -17.42 8.09
C LEU C 197 23.80 -15.94 7.65
N LEU C 198 24.98 -15.34 7.77
CA LEU C 198 25.17 -13.96 7.37
C LEU C 198 25.36 -13.92 5.87
N ARG C 199 25.85 -15.01 5.30
CA ARG C 199 26.08 -15.09 3.86
C ARG C 199 24.82 -15.58 3.17
N CYS C 200 23.94 -16.24 3.90
CA CYS C 200 22.70 -16.76 3.33
C CYS C 200 21.94 -15.61 2.69
N ARG C 201 20.93 -15.92 1.89
CA ARG C 201 20.17 -14.88 1.20
C ARG C 201 18.72 -15.30 0.95
N VAL C 202 17.80 -14.55 1.51
CA VAL C 202 16.38 -14.83 1.34
C VAL C 202 15.64 -13.50 1.11
N LEU C 203 14.89 -13.44 0.02
CA LEU C 203 14.13 -12.24 -0.35
C LEU C 203 13.21 -11.82 0.80
N THR C 204 13.25 -10.54 1.14
CA THR C 204 12.43 -10.01 2.20
C THR C 204 11.20 -9.35 1.59
N SER C 205 10.04 -9.95 1.83
CA SER C 205 8.79 -9.41 1.33
C SER C 205 7.89 -8.99 2.49
N GLY C 206 7.82 -7.68 2.73
CA GLY C 206 6.99 -7.16 3.81
C GLY C 206 7.83 -6.40 4.81
N ILE C 207 7.25 -6.12 5.98
CA ILE C 207 7.97 -5.39 7.01
C ILE C 207 8.06 -6.21 8.29
N PHE C 208 9.26 -6.26 8.85
CA PHE C 208 9.52 -7.01 10.06
C PHE C 208 10.20 -6.10 11.07
N GLU C 209 9.65 -6.05 12.27
CA GLU C 209 10.19 -5.19 13.32
C GLU C 209 11.03 -5.94 14.36
N THR C 210 12.34 -5.69 14.37
CA THR C 210 13.25 -6.32 15.31
C THR C 210 13.35 -5.44 16.54
N LYS C 211 13.31 -6.07 17.72
CA LYS C 211 13.37 -5.33 18.98
C LYS C 211 14.55 -5.75 19.84
N PHE C 212 15.59 -4.92 19.86
CA PHE C 212 16.77 -5.21 20.67
C PHE C 212 17.07 -4.04 21.61
N GLN C 213 18.12 -4.18 22.40
CA GLN C 213 18.49 -3.12 23.35
C GLN C 213 20.01 -3.05 23.51
N VAL C 214 20.55 -1.84 23.53
CA VAL C 214 21.98 -1.65 23.68
C VAL C 214 22.29 -0.75 24.88
N ASP C 215 23.04 -1.27 25.84
CA ASP C 215 23.40 -0.52 27.04
C ASP C 215 22.17 0.11 27.70
N LYS C 216 21.17 -0.74 27.96
CA LYS C 216 19.94 -0.31 28.61
C LYS C 216 19.23 0.81 27.83
N VAL C 217 19.18 0.66 26.52
CA VAL C 217 18.52 1.62 25.64
C VAL C 217 17.81 0.85 24.53
N ASN C 218 16.50 1.03 24.43
CA ASN C 218 15.68 0.32 23.45
C ASN C 218 15.76 0.86 22.02
N PHE C 219 15.77 -0.04 21.06
CA PHE C 219 15.81 0.30 19.64
C PHE C 219 14.68 -0.42 18.92
N HIS C 220 14.44 -0.04 17.66
CA HIS C 220 13.40 -0.67 16.84
C HIS C 220 13.86 -0.79 15.41
N MET C 221 14.52 -1.91 15.11
CA MET C 221 15.02 -2.15 13.77
C MET C 221 13.83 -2.42 12.83
N PHE C 222 13.89 -1.89 11.61
CA PHE C 222 12.82 -2.07 10.63
C PHE C 222 13.37 -2.53 9.29
N ASP C 223 13.02 -3.76 8.92
CA ASP C 223 13.48 -4.33 7.67
C ASP C 223 12.31 -4.39 6.67
N VAL C 224 12.50 -3.77 5.52
CA VAL C 224 11.46 -3.74 4.50
C VAL C 224 12.00 -4.21 3.15
N GLY C 225 11.10 -4.55 2.23
CA GLY C 225 11.52 -5.02 0.92
C GLY C 225 12.18 -3.92 0.14
N GLY C 226 13.41 -4.16 -0.33
CA GLY C 226 14.13 -3.15 -1.09
C GLY C 226 13.85 -3.28 -2.57
N GLN C 227 12.92 -4.18 -2.89
CA GLN C 227 12.53 -4.44 -4.28
C GLN C 227 11.39 -3.48 -4.68
N ARG C 228 11.49 -2.90 -5.87
CA ARG C 228 10.51 -1.95 -6.36
C ARG C 228 9.07 -2.20 -5.95
N ASP C 229 8.61 -3.42 -6.08
CA ASP C 229 7.23 -3.73 -5.71
C ASP C 229 6.94 -3.54 -4.24
N GLU C 230 7.92 -3.86 -3.42
CA GLU C 230 7.80 -3.78 -1.98
C GLU C 230 7.88 -2.35 -1.45
N ARG C 231 8.60 -1.48 -2.17
CA ARG C 231 8.79 -0.10 -1.75
C ARG C 231 7.51 0.65 -1.38
N ARG C 232 6.36 0.13 -1.83
CA ARG C 232 5.09 0.77 -1.52
C ARG C 232 4.67 0.60 -0.06
N LYS C 233 5.37 -0.25 0.68
CA LYS C 233 5.02 -0.50 2.07
C LYS C 233 5.82 0.36 3.01
N TRP C 234 6.87 0.98 2.47
CA TRP C 234 7.74 1.86 3.26
C TRP C 234 6.98 2.96 4.03
N ILE C 235 6.06 3.62 3.32
CA ILE C 235 5.26 4.70 3.88
C ILE C 235 4.77 4.41 5.27
N GLN C 236 4.41 3.16 5.53
CA GLN C 236 3.89 2.78 6.83
C GLN C 236 4.89 2.93 7.97
N CYS C 237 6.07 3.46 7.68
CA CYS C 237 7.11 3.64 8.70
C CYS C 237 7.70 5.04 8.67
N PHE C 238 7.29 5.83 7.69
CA PHE C 238 7.80 7.18 7.54
C PHE C 238 7.46 8.12 8.70
N ASN C 239 6.32 7.89 9.34
CA ASN C 239 5.89 8.74 10.45
C ASN C 239 6.48 8.27 11.77
N ASP C 240 6.90 9.21 12.58
CA ASP C 240 7.51 8.89 13.88
C ASP C 240 8.69 7.93 13.75
N VAL C 241 9.60 8.28 12.86
CA VAL C 241 10.80 7.48 12.63
C VAL C 241 12.01 8.29 13.07
N THR C 242 12.77 7.73 14.01
CA THR C 242 13.95 8.40 14.51
C THR C 242 14.96 8.70 13.41
N ALA C 243 15.52 7.64 12.83
CA ALA C 243 16.51 7.81 11.77
C ALA C 243 16.34 6.74 10.71
N ILE C 244 16.79 7.05 9.50
CA ILE C 244 16.69 6.12 8.37
C ILE C 244 18.06 5.60 8.00
N ILE C 245 18.15 4.29 7.81
CA ILE C 245 19.39 3.65 7.42
C ILE C 245 19.34 3.24 5.96
N PHE C 246 20.09 3.96 5.12
CA PHE C 246 20.09 3.67 3.71
C PHE C 246 21.28 2.82 3.32
N VAL C 247 20.99 1.56 2.97
CA VAL C 247 22.04 0.61 2.59
C VAL C 247 22.25 0.67 1.09
N VAL C 248 23.50 0.54 0.66
CA VAL C 248 23.83 0.56 -0.77
C VAL C 248 24.88 -0.48 -1.14
N ALA C 249 24.65 -1.16 -2.26
CA ALA C 249 25.58 -2.16 -2.77
C ALA C 249 26.68 -1.50 -3.58
N SER C 250 27.57 -0.81 -2.89
CA SER C 250 28.71 -0.14 -3.51
C SER C 250 29.37 -0.99 -4.57
N SER C 251 29.43 -2.30 -4.31
CA SER C 251 30.05 -3.24 -5.22
C SER C 251 29.27 -3.43 -6.51
N SER C 252 27.95 -3.30 -6.43
CA SER C 252 27.09 -3.47 -7.59
C SER C 252 27.07 -2.25 -8.50
N TYR C 253 28.22 -1.87 -9.04
CA TYR C 253 28.31 -0.70 -9.91
C TYR C 253 28.43 -1.08 -11.37
N ASN C 254 28.59 -2.37 -11.63
CA ASN C 254 28.72 -2.89 -12.99
C ASN C 254 27.60 -3.87 -13.29
N MET C 255 26.63 -3.94 -12.39
CA MET C 255 25.48 -4.83 -12.52
C MET C 255 24.20 -4.03 -12.73
N VAL C 256 23.19 -4.67 -13.30
CA VAL C 256 21.92 -3.99 -13.54
C VAL C 256 20.88 -4.55 -12.58
N ILE C 257 19.88 -3.75 -12.29
CA ILE C 257 18.81 -4.13 -11.39
C ILE C 257 18.17 -5.39 -11.91
N ARG C 258 17.47 -6.10 -11.03
CA ARG C 258 16.81 -7.35 -11.41
C ARG C 258 15.38 -7.14 -11.91
N GLU C 259 14.78 -6.02 -11.54
CA GLU C 259 13.41 -5.71 -11.93
C GLU C 259 13.23 -5.68 -13.41
N ASP C 260 14.21 -5.17 -14.14
CA ASP C 260 14.12 -5.08 -15.59
C ASP C 260 15.34 -5.54 -16.35
N ASN C 261 16.41 -5.84 -15.63
CA ASN C 261 17.64 -6.28 -16.25
C ASN C 261 18.25 -5.26 -17.20
N GLN C 262 18.06 -3.97 -16.91
CA GLN C 262 18.62 -2.94 -17.75
C GLN C 262 18.95 -1.66 -17.01
N THR C 263 18.47 -1.52 -15.77
CA THR C 263 18.73 -0.31 -14.98
C THR C 263 19.87 -0.51 -13.99
N ASN C 264 20.97 0.23 -14.17
CA ASN C 264 22.15 0.09 -13.31
C ASN C 264 21.81 0.00 -11.82
N ARG C 265 22.42 -0.97 -11.16
CA ARG C 265 22.16 -1.20 -9.74
C ARG C 265 22.58 -0.04 -8.83
N LEU C 266 23.59 0.73 -9.24
CA LEU C 266 24.08 1.84 -8.44
C LEU C 266 23.21 3.05 -8.70
N GLN C 267 22.84 3.26 -9.96
CA GLN C 267 21.98 4.38 -10.32
C GLN C 267 20.64 4.21 -9.60
N GLU C 268 20.14 2.98 -9.61
CA GLU C 268 18.89 2.65 -8.93
C GLU C 268 18.98 3.13 -7.49
N ALA C 269 20.13 2.87 -6.87
CA ALA C 269 20.34 3.28 -5.50
C ALA C 269 20.29 4.81 -5.40
N LEU C 270 21.03 5.48 -6.27
CA LEU C 270 21.07 6.95 -6.28
C LEU C 270 19.69 7.52 -6.42
N ASN C 271 18.97 7.13 -7.47
CA ASN C 271 17.62 7.62 -7.66
C ASN C 271 16.76 7.34 -6.44
N LEU C 272 16.88 6.13 -5.92
CA LEU C 272 16.10 5.72 -4.74
C LEU C 272 16.42 6.63 -3.53
N PHE C 273 17.70 6.88 -3.29
CA PHE C 273 18.14 7.73 -2.17
C PHE C 273 17.58 9.13 -2.32
N LYS C 274 17.72 9.67 -3.53
CA LYS C 274 17.22 11.00 -3.83
C LYS C 274 15.74 11.10 -3.50
N SER C 275 15.00 10.03 -3.77
CA SER C 275 13.57 10.00 -3.47
C SER C 275 13.30 10.07 -1.97
N ILE C 276 14.07 9.31 -1.20
CA ILE C 276 13.91 9.27 0.25
C ILE C 276 14.39 10.56 0.89
N TRP C 277 15.52 11.06 0.40
CA TRP C 277 16.07 12.29 0.94
C TRP C 277 15.14 13.49 0.71
N ASN C 278 14.63 13.60 -0.52
CA ASN C 278 13.77 14.71 -0.87
C ASN C 278 12.31 14.36 -0.67
N ASN C 279 12.03 13.39 0.19
CA ASN C 279 10.65 13.00 0.42
C ASN C 279 9.92 14.00 1.33
N ARG C 280 8.68 14.31 0.96
CA ARG C 280 7.86 15.26 1.70
C ARG C 280 7.59 14.85 3.13
N TRP C 281 7.63 13.55 3.38
CA TRP C 281 7.38 13.03 4.71
C TRP C 281 8.65 12.68 5.49
N LEU C 282 9.79 13.20 5.07
CA LEU C 282 11.06 12.91 5.73
C LEU C 282 11.94 14.15 5.75
N ARG C 283 11.31 15.32 5.76
CA ARG C 283 12.01 16.60 5.75
C ARG C 283 12.97 16.78 6.93
N THR C 284 12.56 16.29 8.09
CA THR C 284 13.35 16.43 9.29
C THR C 284 14.03 15.15 9.70
N ILE C 285 13.94 14.11 8.87
CA ILE C 285 14.58 12.83 9.20
C ILE C 285 15.96 12.73 8.60
N SER C 286 16.95 12.49 9.46
CA SER C 286 18.32 12.36 8.99
C SER C 286 18.58 10.90 8.59
N VAL C 287 19.22 10.72 7.45
CA VAL C 287 19.51 9.39 6.96
C VAL C 287 21.00 9.08 7.02
N ILE C 288 21.34 7.96 7.63
CA ILE C 288 22.72 7.48 7.71
C ILE C 288 22.95 6.70 6.40
N LEU C 289 24.16 6.79 5.85
CA LEU C 289 24.43 6.12 4.59
C LEU C 289 25.46 5.03 4.72
N PHE C 290 25.04 3.79 4.58
CA PHE C 290 25.95 2.67 4.66
C PHE C 290 26.38 2.25 3.28
N LEU C 291 27.55 2.68 2.86
CA LEU C 291 28.08 2.28 1.56
C LEU C 291 28.61 0.85 1.75
N ASN C 292 27.68 -0.09 1.89
CA ASN C 292 27.98 -1.49 2.12
C ASN C 292 28.71 -2.17 0.96
N LYS C 293 29.22 -3.38 1.24
CA LYS C 293 29.94 -4.21 0.27
C LYS C 293 31.26 -3.59 -0.21
N GLN C 294 32.01 -3.02 0.74
CA GLN C 294 33.29 -2.39 0.41
C GLN C 294 34.32 -3.46 0.01
N ASP C 295 34.13 -4.67 0.55
CA ASP C 295 35.03 -5.79 0.27
C ASP C 295 34.97 -6.14 -1.21
N LEU C 296 33.76 -6.30 -1.74
CA LEU C 296 33.59 -6.64 -3.15
C LEU C 296 33.97 -5.48 -4.05
N LEU C 297 33.86 -4.26 -3.53
CA LEU C 297 34.24 -3.09 -4.32
C LEU C 297 35.75 -3.07 -4.54
N ALA C 298 36.50 -3.11 -3.44
CA ALA C 298 37.95 -3.08 -3.51
C ALA C 298 38.44 -4.20 -4.43
N GLU C 299 37.77 -5.34 -4.37
CA GLU C 299 38.15 -6.47 -5.20
C GLU C 299 38.08 -6.08 -6.66
N LYS C 300 36.86 -5.83 -7.15
CA LYS C 300 36.64 -5.44 -8.54
C LYS C 300 37.60 -4.32 -8.95
N VAL C 301 37.88 -3.42 -8.02
CA VAL C 301 38.77 -2.31 -8.31
C VAL C 301 40.18 -2.80 -8.63
N LEU C 302 40.67 -3.73 -7.82
CA LEU C 302 42.00 -4.26 -7.99
C LEU C 302 42.07 -5.16 -9.22
N ALA C 303 40.93 -5.77 -9.57
CA ALA C 303 40.86 -6.67 -10.73
C ALA C 303 41.45 -5.97 -11.95
N GLY C 304 40.82 -4.87 -12.34
CA GLY C 304 41.30 -4.11 -13.48
C GLY C 304 40.63 -4.41 -14.81
N LYS C 305 39.56 -5.20 -14.79
CA LYS C 305 38.90 -5.55 -16.02
C LYS C 305 37.51 -4.96 -16.12
N SER C 306 36.98 -4.50 -14.98
CA SER C 306 35.65 -3.90 -14.97
C SER C 306 35.75 -2.42 -14.60
N LYS C 307 36.49 -1.67 -15.41
CA LYS C 307 36.67 -0.23 -15.19
C LYS C 307 35.40 0.52 -14.81
N ILE C 308 35.49 1.35 -13.76
CA ILE C 308 34.37 2.14 -13.28
C ILE C 308 34.02 3.26 -14.28
N GLU C 309 35.03 3.93 -14.81
CA GLU C 309 34.82 5.02 -15.75
C GLU C 309 33.99 4.57 -16.97
N ASP C 310 33.78 3.27 -17.09
CA ASP C 310 33.01 2.75 -18.19
C ASP C 310 31.54 2.57 -17.85
N TYR C 311 31.16 2.95 -16.63
CA TYR C 311 29.78 2.85 -16.18
C TYR C 311 29.36 4.22 -15.66
N PHE C 312 30.34 5.00 -15.21
CA PHE C 312 30.11 6.36 -14.70
C PHE C 312 31.30 7.21 -15.17
N PRO C 313 31.19 7.82 -16.37
CA PRO C 313 32.22 8.65 -16.97
C PRO C 313 32.75 9.77 -16.10
N GLU C 314 31.92 10.28 -15.20
CA GLU C 314 32.34 11.36 -14.31
C GLU C 314 33.52 10.91 -13.44
N PHE C 315 33.73 9.60 -13.35
CA PHE C 315 34.82 9.08 -12.55
C PHE C 315 36.16 9.30 -13.22
N ALA C 316 36.13 9.80 -14.45
CA ALA C 316 37.35 10.08 -15.18
C ALA C 316 37.94 11.42 -14.77
N ARG C 317 37.12 12.23 -14.08
CA ARG C 317 37.55 13.54 -13.60
C ARG C 317 37.80 13.51 -12.10
N TYR C 318 37.00 12.73 -11.39
CA TYR C 318 37.10 12.60 -9.93
C TYR C 318 38.52 12.43 -9.41
N THR C 319 38.78 13.01 -8.25
CA THR C 319 40.10 12.92 -7.60
C THR C 319 39.87 12.70 -6.11
N THR C 320 40.58 11.72 -5.54
CA THR C 320 40.43 11.39 -4.13
C THR C 320 40.51 12.63 -3.24
N PRO C 321 39.56 12.78 -2.30
CA PRO C 321 39.51 13.91 -1.38
C PRO C 321 40.77 14.03 -0.52
N GLU C 322 41.07 15.27 -0.11
CA GLU C 322 42.25 15.50 0.73
C GLU C 322 41.92 15.27 2.19
N ASP C 323 40.62 15.17 2.49
CA ASP C 323 40.16 14.91 3.84
C ASP C 323 39.93 13.41 4.01
N ALA C 324 40.26 12.67 2.96
CA ALA C 324 40.09 11.23 2.95
C ALA C 324 40.94 10.55 3.99
N THR C 325 40.35 9.55 4.64
CA THR C 325 41.05 8.77 5.66
C THR C 325 41.12 7.30 5.23
N PRO C 326 42.03 6.97 4.29
CA PRO C 326 42.19 5.59 3.80
C PRO C 326 42.74 4.60 4.84
N GLU C 327 42.06 3.45 4.95
CA GLU C 327 42.46 2.41 5.89
C GLU C 327 43.91 2.01 5.72
N PRO C 328 44.51 1.43 6.77
CA PRO C 328 45.92 0.99 6.73
C PRO C 328 46.19 0.03 5.57
N GLY C 329 47.24 0.31 4.82
CA GLY C 329 47.59 -0.54 3.70
C GLY C 329 46.46 -0.65 2.68
N GLU C 330 45.69 0.41 2.55
CA GLU C 330 44.60 0.44 1.59
C GLU C 330 45.08 0.97 0.25
N ASP C 331 44.96 0.16 -0.80
CA ASP C 331 45.38 0.54 -2.13
C ASP C 331 44.81 1.92 -2.47
N PRO C 332 45.67 2.81 -3.01
CA PRO C 332 45.23 4.16 -3.37
C PRO C 332 44.08 4.16 -4.39
N ARG C 333 44.04 3.17 -5.28
CA ARG C 333 43.00 3.11 -6.27
C ARG C 333 41.66 2.82 -5.60
N VAL C 334 41.69 1.97 -4.58
CA VAL C 334 40.45 1.65 -3.87
C VAL C 334 39.91 2.91 -3.19
N THR C 335 40.81 3.64 -2.52
CA THR C 335 40.44 4.86 -1.83
C THR C 335 39.84 5.86 -2.82
N ARG C 336 40.47 6.00 -3.97
CA ARG C 336 40.03 6.93 -4.99
C ARG C 336 38.65 6.54 -5.57
N ALA C 337 38.18 5.35 -5.22
CA ALA C 337 36.89 4.87 -5.73
C ALA C 337 35.84 4.74 -4.63
N LYS C 338 36.24 4.23 -3.47
CA LYS C 338 35.33 4.06 -2.35
C LYS C 338 34.69 5.40 -1.98
N TYR C 339 35.45 6.48 -2.14
CA TYR C 339 34.95 7.82 -1.82
C TYR C 339 34.12 8.37 -2.99
N PHE C 340 34.48 7.98 -4.20
CA PHE C 340 33.76 8.43 -5.38
C PHE C 340 32.29 8.10 -5.20
N ILE C 341 32.01 6.85 -4.91
CA ILE C 341 30.65 6.38 -4.72
C ILE C 341 29.97 7.13 -3.60
N ARG C 342 30.75 7.52 -2.61
CA ARG C 342 30.19 8.25 -1.48
C ARG C 342 29.76 9.65 -1.91
N ASP C 343 30.68 10.37 -2.54
CA ASP C 343 30.39 11.73 -2.99
C ASP C 343 29.19 11.79 -3.94
N GLU C 344 28.96 10.70 -4.67
CA GLU C 344 27.83 10.63 -5.58
C GLU C 344 26.54 10.81 -4.82
N PHE C 345 26.51 10.33 -3.58
CA PHE C 345 25.33 10.44 -2.75
C PHE C 345 25.28 11.77 -2.03
N LEU C 346 26.43 12.22 -1.54
CA LEU C 346 26.53 13.49 -0.81
C LEU C 346 25.98 14.66 -1.63
N ARG C 347 26.26 14.66 -2.93
CA ARG C 347 25.75 15.72 -3.79
C ARG C 347 24.23 15.77 -3.75
N ILE C 348 23.62 14.61 -3.61
CA ILE C 348 22.17 14.49 -3.53
C ILE C 348 21.64 15.03 -2.21
N SER C 349 22.44 14.88 -1.16
CA SER C 349 22.06 15.35 0.16
C SER C 349 22.51 16.80 0.38
N THR C 350 23.35 17.29 -0.52
CA THR C 350 23.84 18.67 -0.43
C THR C 350 22.97 19.61 -1.28
N ALA C 351 22.29 19.02 -2.26
CA ALA C 351 21.41 19.77 -3.16
C ALA C 351 20.26 20.42 -2.40
N SER C 352 19.80 19.78 -1.33
CA SER C 352 18.70 20.30 -0.54
C SER C 352 18.82 19.87 0.90
N GLY C 353 17.69 19.91 1.61
CA GLY C 353 17.66 19.53 3.00
C GLY C 353 18.76 20.21 3.80
N ASP C 354 18.45 21.37 4.37
CA ASP C 354 19.44 22.11 5.16
C ASP C 354 18.96 22.36 6.56
N GLY C 355 19.81 22.07 7.54
CA GLY C 355 19.46 22.28 8.92
C GLY C 355 18.38 21.36 9.47
N ARG C 356 17.49 20.87 8.60
CA ARG C 356 16.43 19.99 9.05
C ARG C 356 16.84 18.54 9.12
N HIS C 357 17.88 18.19 8.37
CA HIS C 357 18.40 16.82 8.38
C HIS C 357 19.77 16.75 7.68
N TYR C 358 20.56 15.75 8.06
CA TYR C 358 21.88 15.55 7.47
C TYR C 358 22.11 14.12 7.09
N CYS C 359 23.25 13.85 6.46
CA CYS C 359 23.61 12.50 6.03
C CYS C 359 24.99 12.13 6.58
N TYR C 360 25.15 10.89 7.04
CA TYR C 360 26.42 10.47 7.57
C TYR C 360 26.95 9.22 6.91
N PRO C 361 27.89 9.37 5.97
CA PRO C 361 28.50 8.25 5.24
C PRO C 361 29.18 7.25 6.17
N HIS C 362 29.18 5.98 5.78
CA HIS C 362 29.80 4.91 6.56
C HIS C 362 30.14 3.71 5.69
N PHE C 363 31.40 3.59 5.27
CA PHE C 363 31.81 2.45 4.47
C PHE C 363 31.59 1.22 5.32
N THR C 364 30.82 0.25 4.82
CA THR C 364 30.54 -0.94 5.61
C THR C 364 30.56 -2.28 4.86
N CYS C 365 30.53 -3.36 5.64
CA CYS C 365 30.50 -4.71 5.14
C CYS C 365 29.54 -5.49 6.01
N ALA C 366 28.29 -5.58 5.60
CA ALA C 366 27.24 -6.27 6.34
C ALA C 366 27.63 -7.63 6.85
N VAL C 367 28.40 -8.39 6.05
CA VAL C 367 28.80 -9.73 6.46
C VAL C 367 29.97 -9.76 7.43
N ASP C 368 30.49 -8.57 7.78
CA ASP C 368 31.61 -8.47 8.69
C ASP C 368 31.17 -7.96 10.06
N THR C 369 30.91 -8.89 10.99
CA THR C 369 30.45 -8.52 12.33
C THR C 369 31.43 -7.56 12.98
N GLU C 370 32.70 -7.69 12.62
CA GLU C 370 33.72 -6.85 13.20
C GLU C 370 33.69 -5.44 12.63
N ASN C 371 33.00 -5.28 11.52
CA ASN C 371 32.89 -3.99 10.88
C ASN C 371 31.64 -3.28 11.34
N ILE C 372 30.50 -3.97 11.26
CA ILE C 372 29.24 -3.37 11.66
C ILE C 372 29.23 -3.07 13.15
N ARG C 373 30.06 -3.76 13.93
CA ARG C 373 30.12 -3.47 15.35
C ARG C 373 30.75 -2.09 15.50
N ARG C 374 31.77 -1.84 14.71
CA ARG C 374 32.47 -0.56 14.70
C ARG C 374 31.56 0.57 14.21
N VAL C 375 31.27 0.57 12.92
CA VAL C 375 30.42 1.61 12.32
C VAL C 375 29.14 1.87 13.11
N PHE C 376 28.57 0.84 13.73
CA PHE C 376 27.34 1.03 14.47
C PHE C 376 27.52 1.89 15.71
N ASN C 377 28.62 1.69 16.43
CA ASN C 377 28.86 2.48 17.65
C ASN C 377 28.85 3.98 17.31
N ASP C 378 28.95 4.28 16.02
CA ASP C 378 28.94 5.66 15.56
C ASP C 378 27.49 6.11 15.33
N CYS C 379 26.67 5.21 14.81
CA CYS C 379 25.27 5.50 14.54
C CYS C 379 24.52 5.76 15.83
N ARG C 380 25.14 5.38 16.94
CA ARG C 380 24.55 5.58 18.25
C ARG C 380 24.87 6.97 18.79
N ASP C 381 26.06 7.46 18.45
CA ASP C 381 26.50 8.78 18.88
C ASP C 381 25.94 9.90 17.98
N ILE C 382 25.03 9.54 17.09
CA ILE C 382 24.41 10.50 16.17
C ILE C 382 23.00 10.80 16.61
#